data_6M08
#
_entry.id   6M08
#
_cell.length_a   116.346
_cell.length_b   82.345
_cell.length_c   96.664
_cell.angle_alpha   90.000
_cell.angle_beta   115.730
_cell.angle_gamma   90.000
#
_symmetry.space_group_name_H-M   'C 1 2 1'
#
loop_
_entity.id
_entity.type
_entity.pdbx_description
1 polymer 'Platelet-activating factor acetylhydrolase'
2 non-polymer '(2S)-2-[(Z)-3-[2-(diethylamino)ethyl-[[4-[4-(trifluoromethyl)phenyl]phenyl]methyl]amino]-1-oxidanyl-3-oxidanylidene-prop-1-enyl]pyrrolidine-1-carboxylic acid'
3 water water
#
_entity_poly.entity_id   1
_entity_poly.type   'polypeptide(L)'
_entity_poly.pdbx_seq_one_letter_code
;TKIPRGNGPYSVGCTDLMFDHTNKGTFLRLYYPSQDNDRLDTLWIPNKEYFWGLSKFLGTHWLMGNILRLLFGSMTTPAN
WNSPLRPGEKYPLVVFSHGLGAFRTLYSAIGIDLASHGFIVAAVEHRDRSASATYYFKDQSAAEIGDKSWLYLRTLKQEE
ETHIRNEQVRQRAKECSQALSLILDIDHGKPVKNALDLKFDMEQLKDSIDREKIAVIGHSFGGATVIQTLSEDQRFRCGI
ALDAWMFPLGDEVYSRIPQPLFFINSEYFQYPANIIKMKKCYSPDKERKMITIRGSVHQNFADFTFATGKIIGHMLKLKG
DIDSNVAIDLSNKASLAFLQKHLGLHKDFDQWDCLIEGDDENLIPGTNINT
;
_entity_poly.pdbx_strand_id   A,B
#
# COMPACT_ATOMS: atom_id res chain seq x y z
N THR A 1 -19.55 -5.01 33.90
CA THR A 1 -18.32 -5.55 33.22
C THR A 1 -17.08 -5.42 34.12
N LYS A 2 -16.15 -6.38 34.00
CA LYS A 2 -14.78 -6.31 34.58
C LYS A 2 -13.75 -6.13 33.48
N ILE A 3 -14.17 -6.00 32.21
CA ILE A 3 -13.18 -5.62 31.14
C ILE A 3 -12.69 -4.23 31.48
N PRO A 4 -11.38 -4.01 31.70
CA PRO A 4 -10.88 -2.74 32.21
C PRO A 4 -11.13 -1.56 31.27
N ARG A 5 -11.37 -0.37 31.83
CA ARG A 5 -11.43 0.90 31.09
C ARG A 5 -10.02 1.19 30.54
N GLY A 6 -9.93 1.96 29.45
CA GLY A 6 -8.63 2.45 28.96
C GLY A 6 -7.94 3.33 30.00
N ASN A 7 -6.62 3.23 30.09
CA ASN A 7 -5.77 4.01 31.06
C ASN A 7 -5.33 5.34 30.45
N GLY A 8 -5.52 5.51 29.14
CA GLY A 8 -5.04 6.72 28.45
C GLY A 8 -5.96 7.90 28.69
N PRO A 9 -5.52 9.14 28.35
CA PRO A 9 -6.34 10.33 28.56
C PRO A 9 -7.57 10.55 27.66
N TYR A 10 -7.67 9.85 26.52
CA TYR A 10 -8.80 10.02 25.56
C TYR A 10 -10.00 9.18 26.01
N SER A 11 -11.21 9.70 25.87
CA SER A 11 -12.43 8.88 26.01
C SER A 11 -12.53 8.01 24.75
N VAL A 12 -13.19 6.85 24.85
CA VAL A 12 -13.17 5.79 23.80
C VAL A 12 -14.60 5.51 23.33
N GLY A 13 -14.78 5.55 22.01
CA GLY A 13 -16.01 5.12 21.34
C GLY A 13 -15.82 3.83 20.56
N CYS A 14 -16.90 3.23 20.11
CA CYS A 14 -16.89 1.97 19.38
C CYS A 14 -18.03 1.94 18.36
N THR A 15 -17.77 1.41 17.16
CA THR A 15 -18.82 1.13 16.16
C THR A 15 -18.39 -0.07 15.31
N ASP A 16 -19.25 -0.47 14.37
CA ASP A 16 -18.97 -1.60 13.45
C ASP A 16 -19.10 -1.08 12.00
N LEU A 17 -18.16 -1.51 11.16
CA LEU A 17 -18.11 -1.19 9.71
C LEU A 17 -18.07 -2.49 8.92
N MET A 18 -19.04 -2.67 8.01
CA MET A 18 -19.01 -3.73 6.99
C MET A 18 -19.12 -3.09 5.62
N PHE A 19 -18.15 -3.37 4.76
CA PHE A 19 -18.12 -2.81 3.38
C PHE A 19 -17.12 -3.59 2.56
N ASP A 20 -17.54 -4.11 1.39
CA ASP A 20 -18.93 -4.18 0.91
C ASP A 20 -19.70 -5.20 1.76
N HIS A 21 -20.98 -5.41 1.43
CA HIS A 21 -21.92 -6.25 2.21
C HIS A 21 -21.62 -7.76 2.05
N THR A 22 -20.74 -8.18 1.13
CA THR A 22 -20.62 -9.62 0.73
C THR A 22 -19.60 -10.37 1.59
N ASN A 23 -19.51 -11.67 1.36
CA ASN A 23 -18.58 -12.58 2.06
C ASN A 23 -17.11 -12.25 1.70
N LYS A 24 -16.85 -11.46 0.66
CA LYS A 24 -15.49 -11.03 0.22
C LYS A 24 -15.20 -9.58 0.67
N GLY A 25 -16.20 -8.89 1.24
CA GLY A 25 -16.06 -7.52 1.76
C GLY A 25 -15.29 -7.49 3.07
N THR A 26 -15.08 -6.31 3.65
CA THR A 26 -14.39 -6.13 4.95
C THR A 26 -15.41 -5.96 6.08
N PHE A 27 -15.14 -6.58 7.22
CA PHE A 27 -15.94 -6.45 8.47
C PHE A 27 -14.97 -6.17 9.62
N LEU A 28 -15.18 -5.08 10.36
CA LEU A 28 -14.29 -4.73 11.47
C LEU A 28 -15.09 -4.02 12.56
N ARG A 29 -14.62 -4.12 13.79
CA ARG A 29 -15.13 -3.29 14.90
C ARG A 29 -14.10 -2.19 15.07
N LEU A 30 -14.55 -0.94 15.15
CA LEU A 30 -13.66 0.23 15.27
C LEU A 30 -13.70 0.73 16.74
N TYR A 31 -12.52 0.90 17.34
CA TYR A 31 -12.35 1.56 18.66
C TYR A 31 -11.58 2.85 18.41
N TYR A 32 -12.04 3.99 18.91
CA TYR A 32 -11.49 5.31 18.48
C TYR A 32 -11.65 6.34 19.58
N PRO A 33 -10.79 7.39 19.58
CA PRO A 33 -10.89 8.47 20.57
C PRO A 33 -12.22 9.18 20.35
N SER A 34 -13.01 9.21 21.41
CA SER A 34 -14.37 9.78 21.48
C SER A 34 -14.26 11.28 21.77
N GLN A 35 -15.23 12.07 21.30
CA GLN A 35 -15.38 13.50 21.65
C GLN A 35 -16.00 13.58 23.06
N ASP A 36 -17.06 12.80 23.31
CA ASP A 36 -17.83 12.72 24.59
C ASP A 36 -17.59 11.37 25.27
N ASN A 37 -17.69 11.33 26.61
CA ASN A 37 -17.57 10.12 27.48
C ASN A 37 -18.90 9.94 28.23
N ASP A 38 -20.00 9.76 27.47
CA ASP A 38 -21.39 9.91 27.97
C ASP A 38 -21.80 8.66 28.75
N ARG A 39 -21.51 7.45 28.22
CA ARG A 39 -21.82 6.16 28.90
C ARG A 39 -21.07 4.99 28.21
N LEU A 40 -20.60 4.04 29.03
CA LEU A 40 -19.84 2.85 28.59
C LEU A 40 -20.81 1.69 28.33
N ASP A 41 -21.43 1.65 27.14
CA ASP A 41 -22.66 0.87 26.84
C ASP A 41 -22.47 -0.09 25.64
N THR A 42 -21.25 -0.30 25.12
CA THR A 42 -21.02 -1.22 23.98
C THR A 42 -21.22 -2.68 24.40
N LEU A 43 -22.10 -3.38 23.70
CA LEU A 43 -22.40 -4.81 23.91
C LEU A 43 -21.19 -5.63 23.45
N TRP A 44 -20.68 -6.49 24.34
CA TRP A 44 -19.40 -7.23 24.15
C TRP A 44 -19.53 -8.25 23.02
N ILE A 45 -20.54 -9.10 23.12
CA ILE A 45 -20.82 -10.20 22.18
C ILE A 45 -22.25 -9.94 21.70
N PRO A 46 -22.44 -9.32 20.52
CA PRO A 46 -23.70 -8.65 20.25
C PRO A 46 -24.76 -9.50 19.53
N ASN A 47 -24.48 -10.76 19.21
CA ASN A 47 -25.46 -11.63 18.51
C ASN A 47 -25.44 -13.02 19.13
N LYS A 48 -26.55 -13.76 19.05
CA LYS A 48 -26.69 -15.06 19.73
C LYS A 48 -25.90 -16.11 18.96
N GLU A 49 -25.79 -15.96 17.64
CA GLU A 49 -25.06 -16.91 16.77
C GLU A 49 -23.56 -17.00 17.16
N TYR A 50 -22.99 -16.00 17.84
CA TYR A 50 -21.56 -16.07 18.30
C TYR A 50 -21.41 -17.05 19.46
N PHE A 51 -22.39 -17.09 20.37
CA PHE A 51 -22.47 -18.09 21.48
C PHE A 51 -22.62 -19.50 20.90
N TRP A 52 -23.38 -19.66 19.83
CA TRP A 52 -23.53 -20.98 19.15
C TRP A 52 -22.18 -21.35 18.54
N GLY A 53 -21.55 -20.37 17.89
CA GLY A 53 -20.21 -20.54 17.32
C GLY A 53 -19.20 -20.90 18.40
N LEU A 54 -19.19 -20.17 19.51
CA LEU A 54 -18.24 -20.44 20.61
C LEU A 54 -18.44 -21.87 21.10
N SER A 55 -19.69 -22.24 21.40
CA SER A 55 -20.11 -23.61 21.82
C SER A 55 -19.53 -24.68 20.86
N LYS A 56 -19.69 -24.54 19.55
CA LYS A 56 -19.14 -25.51 18.56
C LYS A 56 -17.60 -25.56 18.62
N PHE A 57 -16.95 -24.43 18.87
CA PHE A 57 -15.46 -24.34 18.96
C PHE A 57 -14.97 -25.17 20.16
N LEU A 58 -15.58 -24.96 21.33
CA LEU A 58 -15.20 -25.59 22.62
C LEU A 58 -15.57 -27.08 22.60
N GLY A 59 -16.24 -27.55 21.54
CA GLY A 59 -16.58 -28.99 21.38
C GLY A 59 -17.80 -29.43 22.18
N THR A 60 -18.53 -28.50 22.81
CA THR A 60 -19.81 -28.76 23.52
C THR A 60 -20.98 -28.78 22.52
N HIS A 61 -22.21 -28.97 23.02
CA HIS A 61 -23.45 -29.18 22.22
C HIS A 61 -24.35 -27.93 22.27
N TRP A 62 -25.63 -28.07 21.90
CA TRP A 62 -26.63 -26.95 21.80
C TRP A 62 -26.78 -26.21 23.14
N LEU A 63 -26.74 -26.91 24.28
CA LEU A 63 -27.16 -26.38 25.62
C LEU A 63 -26.16 -25.33 26.13
N MET A 64 -24.85 -25.56 25.94
CA MET A 64 -23.77 -24.67 26.46
C MET A 64 -23.82 -23.31 25.74
N GLY A 65 -24.21 -23.28 24.47
CA GLY A 65 -24.48 -22.02 23.72
C GLY A 65 -25.41 -21.11 24.51
N ASN A 66 -26.55 -21.66 24.97
CA ASN A 66 -27.61 -20.91 25.69
C ASN A 66 -27.10 -20.54 27.09
N ILE A 67 -26.30 -21.40 27.73
CA ILE A 67 -25.73 -21.04 29.07
C ILE A 67 -24.80 -19.82 28.92
N LEU A 68 -23.86 -19.87 27.98
CA LEU A 68 -22.90 -18.75 27.74
C LEU A 68 -23.67 -17.47 27.43
N ARG A 69 -24.72 -17.59 26.62
CA ARG A 69 -25.58 -16.44 26.24
C ARG A 69 -26.31 -15.90 27.47
N LEU A 70 -26.85 -16.79 28.32
CA LEU A 70 -27.45 -16.43 29.64
C LEU A 70 -26.39 -15.70 30.48
N LEU A 71 -25.20 -16.26 30.62
CA LEU A 71 -24.11 -15.64 31.44
C LEU A 71 -23.66 -14.28 30.84
N PHE A 72 -23.49 -14.18 29.53
CA PHE A 72 -22.68 -13.08 28.93
C PHE A 72 -23.46 -12.22 27.92
N GLY A 73 -24.69 -12.61 27.57
CA GLY A 73 -25.50 -11.98 26.50
C GLY A 73 -25.67 -10.47 26.66
N SER A 74 -25.63 -9.95 27.87
CA SER A 74 -25.88 -8.50 28.14
C SER A 74 -24.61 -7.81 28.67
N MET A 75 -23.52 -8.57 28.78
CA MET A 75 -22.26 -8.01 29.33
C MET A 75 -21.79 -6.92 28.36
N THR A 76 -21.43 -5.75 28.89
CA THR A 76 -20.94 -4.61 28.09
C THR A 76 -19.41 -4.64 28.10
N THR A 77 -18.81 -3.76 27.31
CA THR A 77 -17.36 -3.48 27.34
C THR A 77 -17.21 -1.96 27.39
N PRO A 78 -16.20 -1.40 28.08
CA PRO A 78 -16.21 0.02 28.40
C PRO A 78 -15.84 0.99 27.27
N ALA A 79 -16.77 1.15 26.33
CA ALA A 79 -16.63 2.05 25.18
C ALA A 79 -17.99 2.68 24.87
N ASN A 80 -17.96 3.93 24.42
CA ASN A 80 -19.19 4.71 24.06
C ASN A 80 -19.68 4.25 22.68
N TRP A 81 -20.75 3.47 22.64
CA TRP A 81 -21.31 2.97 21.34
C TRP A 81 -21.69 4.15 20.45
N ASN A 82 -21.07 4.26 19.28
CA ASN A 82 -21.44 5.19 18.16
C ASN A 82 -21.19 6.64 18.57
N SER A 83 -20.35 6.84 19.57
CA SER A 83 -19.93 8.17 20.02
C SER A 83 -19.19 8.83 18.87
N PRO A 84 -19.40 10.15 18.65
CA PRO A 84 -18.65 10.89 17.63
C PRO A 84 -17.12 10.83 17.77
N LEU A 85 -16.43 10.76 16.64
CA LEU A 85 -14.95 10.80 16.60
C LEU A 85 -14.48 12.16 17.12
N ARG A 86 -13.49 12.16 17.99
CA ARG A 86 -12.89 13.40 18.54
C ARG A 86 -12.19 14.09 17.37
N PRO A 87 -12.57 15.36 17.05
CA PRO A 87 -12.07 16.01 15.85
C PRO A 87 -10.69 16.64 16.03
N GLY A 88 -10.12 17.13 14.93
CA GLY A 88 -9.01 18.10 14.90
C GLY A 88 -7.63 17.48 15.06
N GLU A 89 -7.51 16.15 14.90
CA GLU A 89 -6.19 15.48 14.86
C GLU A 89 -6.28 14.23 13.99
N LYS A 90 -5.12 13.83 13.46
CA LYS A 90 -4.89 12.57 12.72
C LYS A 90 -4.28 11.52 13.66
N TYR A 91 -4.94 10.37 13.74
CA TYR A 91 -4.57 9.31 14.71
C TYR A 91 -3.78 8.23 13.99
N PRO A 92 -2.75 7.65 14.62
CA PRO A 92 -2.21 6.39 14.13
C PRO A 92 -3.30 5.31 14.13
N LEU A 93 -3.10 4.31 13.27
CA LEU A 93 -4.08 3.23 13.05
C LEU A 93 -3.42 1.88 13.33
N VAL A 94 -4.13 1.03 14.06
CA VAL A 94 -3.80 -0.41 14.30
C VAL A 94 -4.86 -1.26 13.62
N VAL A 95 -4.44 -2.24 12.79
CA VAL A 95 -5.33 -3.33 12.31
C VAL A 95 -5.10 -4.53 13.21
N PHE A 96 -6.16 -5.08 13.79
CA PHE A 96 -6.08 -6.15 14.81
C PHE A 96 -6.70 -7.44 14.24
N SER A 97 -5.99 -8.54 14.43
CA SER A 97 -6.37 -9.88 13.91
C SER A 97 -6.57 -10.87 15.06
N HIS A 98 -7.75 -11.48 15.14
CA HIS A 98 -8.18 -12.38 16.25
C HIS A 98 -7.67 -13.81 16.01
N GLY A 99 -7.65 -14.62 17.05
CA GLY A 99 -7.15 -16.00 16.93
C GLY A 99 -8.26 -16.94 16.54
N LEU A 100 -7.91 -18.21 16.52
CA LEU A 100 -8.80 -19.31 16.14
C LEU A 100 -9.91 -19.39 17.19
N GLY A 101 -11.18 -19.46 16.73
CA GLY A 101 -12.40 -19.57 17.55
C GLY A 101 -12.86 -18.23 18.09
N ALA A 102 -12.16 -17.13 17.77
CA ALA A 102 -12.52 -15.78 18.26
C ALA A 102 -13.28 -15.06 17.14
N PHE A 103 -13.51 -13.76 17.30
CA PHE A 103 -14.16 -12.87 16.30
C PHE A 103 -13.85 -11.44 16.75
N ARG A 104 -14.36 -10.42 16.07
CA ARG A 104 -13.80 -9.05 16.15
C ARG A 104 -13.92 -8.42 17.55
N THR A 105 -14.83 -8.88 18.41
CA THR A 105 -15.22 -8.13 19.64
C THR A 105 -14.47 -8.62 20.89
N LEU A 106 -13.62 -9.66 20.77
CA LEU A 106 -13.06 -10.41 21.93
C LEU A 106 -11.67 -9.89 22.35
N TYR A 107 -11.21 -8.75 21.81
CA TYR A 107 -9.92 -8.16 22.22
C TYR A 107 -10.16 -6.68 22.51
N SER A 108 -11.35 -6.40 23.06
CA SER A 108 -11.74 -5.02 23.44
C SER A 108 -10.83 -4.48 24.54
N ALA A 109 -10.31 -5.30 25.45
CA ALA A 109 -9.37 -4.80 26.49
C ALA A 109 -8.17 -4.19 25.78
N ILE A 110 -7.66 -4.88 24.76
CA ILE A 110 -6.49 -4.36 23.99
C ILE A 110 -6.93 -3.13 23.19
N GLY A 111 -8.08 -3.19 22.50
CA GLY A 111 -8.49 -2.15 21.54
C GLY A 111 -8.89 -0.87 22.24
N ILE A 112 -9.67 -0.98 23.32
CA ILE A 112 -10.07 0.19 24.15
C ILE A 112 -8.80 0.82 24.76
N ASP A 113 -7.83 0.03 25.24
CA ASP A 113 -6.60 0.66 25.80
C ASP A 113 -5.90 1.47 24.69
N LEU A 114 -5.67 0.91 23.50
CA LEU A 114 -4.92 1.64 22.44
C LEU A 114 -5.68 2.94 22.07
N ALA A 115 -7.00 2.85 21.91
CA ALA A 115 -7.86 3.99 21.54
C ALA A 115 -7.75 5.08 22.62
N SER A 116 -7.76 4.71 23.89
CA SER A 116 -7.66 5.69 25.01
C SER A 116 -6.29 6.38 24.99
N HIS A 117 -5.33 5.87 24.19
CA HIS A 117 -4.00 6.50 24.02
C HIS A 117 -3.91 7.22 22.66
N GLY A 118 -5.01 7.32 21.92
CA GLY A 118 -5.08 8.20 20.75
C GLY A 118 -4.91 7.45 19.43
N PHE A 119 -5.17 6.12 19.42
CA PHE A 119 -5.17 5.25 18.21
C PHE A 119 -6.62 5.07 17.75
N ILE A 120 -6.80 4.85 16.45
CA ILE A 120 -8.01 4.17 15.89
C ILE A 120 -7.62 2.70 15.73
N VAL A 121 -8.43 1.76 16.20
CA VAL A 121 -8.10 0.32 15.95
C VAL A 121 -9.28 -0.31 15.21
N ALA A 122 -8.91 -1.01 14.13
CA ALA A 122 -9.80 -1.81 13.29
C ALA A 122 -9.58 -3.30 13.63
N ALA A 123 -10.45 -3.86 14.46
CA ALA A 123 -10.50 -5.31 14.78
C ALA A 123 -11.30 -5.99 13.68
N VAL A 124 -10.57 -6.71 12.85
CA VAL A 124 -11.07 -7.40 11.63
C VAL A 124 -11.84 -8.66 12.04
N GLU A 125 -12.97 -8.96 11.39
CA GLU A 125 -13.60 -10.29 11.53
C GLU A 125 -13.18 -11.08 10.29
N HIS A 126 -12.57 -12.22 10.50
CA HIS A 126 -12.10 -13.06 9.36
C HIS A 126 -13.24 -13.90 8.83
N ARG A 127 -13.23 -14.09 7.51
CA ARG A 127 -14.21 -14.88 6.74
C ARG A 127 -13.48 -16.14 6.20
N ASP A 128 -12.40 -16.55 6.86
CA ASP A 128 -11.58 -17.75 6.50
C ASP A 128 -12.13 -19.01 7.19
N ARG A 129 -13.18 -18.90 8.02
CA ARG A 129 -13.80 -20.01 8.80
C ARG A 129 -12.88 -20.39 9.97
N SER A 130 -12.00 -19.45 10.38
CA SER A 130 -11.26 -19.46 11.67
C SER A 130 -12.08 -18.77 12.75
N ALA A 131 -12.97 -17.83 12.45
CA ALA A 131 -13.82 -17.22 13.50
C ALA A 131 -14.77 -18.30 14.00
N SER A 132 -15.18 -18.31 15.27
CA SER A 132 -16.17 -19.30 15.77
C SER A 132 -17.45 -19.05 14.97
N ALA A 133 -17.84 -17.78 14.81
CA ALA A 133 -18.85 -17.39 13.80
C ALA A 133 -18.51 -16.03 13.19
N THR A 134 -19.11 -15.76 12.03
CA THR A 134 -19.17 -14.43 11.39
C THR A 134 -20.35 -14.39 10.42
N TYR A 135 -20.74 -13.18 9.99
CA TYR A 135 -21.83 -12.99 9.01
C TYR A 135 -21.45 -11.98 7.95
N TYR A 136 -22.29 -12.03 6.92
CA TYR A 136 -22.23 -11.21 5.70
C TYR A 136 -23.65 -11.20 5.14
N PHE A 137 -23.86 -10.46 4.04
CA PHE A 137 -25.20 -10.32 3.40
C PHE A 137 -25.13 -10.84 1.97
N LYS A 138 -26.15 -11.58 1.54
CA LYS A 138 -26.19 -12.16 0.16
C LYS A 138 -26.46 -11.08 -0.88
N ASP A 139 -27.07 -9.95 -0.50
CA ASP A 139 -27.27 -8.82 -1.44
C ASP A 139 -27.64 -7.59 -0.62
N GLN A 140 -27.72 -6.43 -1.27
CA GLN A 140 -27.99 -5.09 -0.64
C GLN A 140 -29.33 -5.09 0.09
N SER A 141 -30.35 -5.74 -0.49
CA SER A 141 -31.70 -5.86 0.13
C SER A 141 -31.56 -6.62 1.45
N ALA A 142 -30.82 -7.73 1.48
CA ALA A 142 -30.60 -8.48 2.75
C ALA A 142 -29.90 -7.57 3.77
N ALA A 143 -28.96 -6.73 3.34
CA ALA A 143 -28.24 -5.83 4.28
C ALA A 143 -29.19 -4.74 4.82
N GLU A 144 -30.16 -4.33 4.02
CA GLU A 144 -31.16 -3.29 4.39
C GLU A 144 -32.18 -3.85 5.41
N ILE A 145 -32.46 -5.16 5.36
CA ILE A 145 -33.46 -5.87 6.24
C ILE A 145 -32.76 -6.42 7.49
N GLY A 146 -31.43 -6.48 7.46
CA GLY A 146 -30.60 -7.10 8.51
C GLY A 146 -30.67 -8.62 8.43
N ASP A 147 -30.85 -9.18 7.22
CA ASP A 147 -31.10 -10.63 6.99
C ASP A 147 -29.75 -11.32 6.79
N LYS A 148 -29.12 -11.66 7.92
CA LYS A 148 -27.70 -12.09 8.05
C LYS A 148 -27.54 -13.51 7.52
N SER A 149 -26.45 -13.76 6.81
CA SER A 149 -25.98 -15.14 6.50
C SER A 149 -24.76 -15.43 7.37
N TRP A 150 -24.86 -16.50 8.17
CA TRP A 150 -23.89 -16.94 9.20
C TRP A 150 -22.96 -17.98 8.64
N LEU A 151 -21.71 -17.88 9.09
CA LEU A 151 -20.56 -18.70 8.69
C LEU A 151 -19.81 -19.09 9.97
N TYR A 152 -19.68 -20.39 10.20
CA TYR A 152 -19.23 -21.00 11.47
C TYR A 152 -17.87 -21.61 11.23
N LEU A 153 -17.08 -21.75 12.31
CA LEU A 153 -15.71 -22.32 12.27
C LEU A 153 -15.73 -23.64 11.50
N ARG A 154 -14.74 -23.83 10.62
CA ARG A 154 -14.46 -25.11 9.95
C ARG A 154 -13.61 -25.99 10.86
N THR A 155 -14.15 -27.14 11.26
CA THR A 155 -13.36 -28.23 11.90
C THR A 155 -12.48 -28.89 10.83
N LEU A 156 -11.19 -29.07 11.11
CA LEU A 156 -10.21 -29.67 10.16
C LEU A 156 -9.85 -31.09 10.63
N LYS A 157 -9.66 -32.01 9.67
CA LYS A 157 -8.93 -33.31 9.83
C LYS A 157 -7.41 -33.07 9.81
N GLN A 158 -6.64 -33.79 10.62
CA GLN A 158 -5.15 -33.71 10.71
C GLN A 158 -4.52 -33.70 9.31
N GLU A 159 -5.00 -34.53 8.39
CA GLU A 159 -4.42 -34.67 7.01
C GLU A 159 -4.33 -33.31 6.31
N GLU A 160 -5.25 -32.37 6.59
CA GLU A 160 -5.40 -31.12 5.79
C GLU A 160 -4.94 -29.88 6.61
N GLU A 161 -4.56 -30.07 7.89
CA GLU A 161 -4.18 -29.00 8.84
C GLU A 161 -3.07 -28.14 8.22
N THR A 162 -2.06 -28.72 7.57
CA THR A 162 -0.89 -27.96 7.04
C THR A 162 -1.37 -27.09 5.88
N HIS A 163 -2.11 -27.69 4.95
CA HIS A 163 -2.55 -27.01 3.71
C HIS A 163 -3.52 -25.88 4.06
N ILE A 164 -4.57 -26.19 4.83
CA ILE A 164 -5.73 -25.26 5.03
C ILE A 164 -5.28 -24.13 5.97
N ARG A 165 -4.53 -24.42 7.03
CA ARG A 165 -4.04 -23.35 7.92
C ARG A 165 -3.22 -22.34 7.11
N ASN A 166 -2.42 -22.81 6.14
CA ASN A 166 -1.62 -21.90 5.31
C ASN A 166 -2.52 -21.11 4.37
N GLU A 167 -3.58 -21.72 3.80
CA GLU A 167 -4.57 -21.02 2.94
C GLU A 167 -5.29 -19.96 3.77
N GLN A 168 -5.61 -20.30 5.02
CA GLN A 168 -6.29 -19.39 5.96
C GLN A 168 -5.38 -18.19 6.28
N VAL A 169 -4.09 -18.39 6.55
CA VAL A 169 -3.23 -17.27 6.98
C VAL A 169 -3.06 -16.30 5.79
N ARG A 170 -2.99 -16.82 4.57
CA ARG A 170 -2.95 -15.99 3.34
C ARG A 170 -4.23 -15.17 3.19
N GLN A 171 -5.39 -15.80 3.35
CA GLN A 171 -6.67 -15.07 3.28
C GLN A 171 -6.68 -14.00 4.37
N ARG A 172 -6.22 -14.36 5.58
CA ARG A 172 -6.25 -13.46 6.76
C ARG A 172 -5.43 -12.20 6.45
N ALA A 173 -4.28 -12.37 5.79
CA ALA A 173 -3.34 -11.27 5.43
C ALA A 173 -4.03 -10.39 4.39
N LYS A 174 -4.66 -11.01 3.39
CA LYS A 174 -5.49 -10.30 2.39
C LYS A 174 -6.58 -9.50 3.13
N GLU A 175 -7.20 -10.04 4.17
CA GLU A 175 -8.29 -9.34 4.93
C GLU A 175 -7.73 -8.15 5.72
N CYS A 176 -6.54 -8.30 6.32
CA CYS A 176 -5.92 -7.18 7.06
C CYS A 176 -5.62 -6.05 6.08
N SER A 177 -5.06 -6.39 4.92
CA SER A 177 -4.70 -5.45 3.84
C SER A 177 -5.96 -4.78 3.25
N GLN A 178 -7.03 -5.53 3.05
CA GLN A 178 -8.32 -5.00 2.50
C GLN A 178 -8.90 -3.97 3.49
N ALA A 179 -8.93 -4.32 4.78
CA ALA A 179 -9.45 -3.46 5.87
C ALA A 179 -8.62 -2.16 5.88
N LEU A 180 -7.30 -2.27 5.73
CA LEU A 180 -6.47 -1.05 5.74
C LEU A 180 -6.89 -0.21 4.54
N SER A 181 -7.05 -0.83 3.38
CA SER A 181 -7.45 -0.13 2.13
C SER A 181 -8.82 0.54 2.30
N LEU A 182 -9.77 -0.11 2.96
CA LEU A 182 -11.09 0.51 3.24
C LEU A 182 -10.90 1.80 4.03
N ILE A 183 -10.17 1.73 5.15
CA ILE A 183 -10.04 2.88 6.09
C ILE A 183 -9.31 4.04 5.40
N LEU A 184 -8.20 3.74 4.72
CA LEU A 184 -7.42 4.76 3.97
C LEU A 184 -8.30 5.38 2.87
N ASP A 185 -9.10 4.58 2.16
CA ASP A 185 -10.00 5.14 1.11
C ASP A 185 -11.02 6.08 1.79
N ILE A 186 -11.64 5.70 2.92
CA ILE A 186 -12.59 6.60 3.66
C ILE A 186 -11.82 7.86 4.12
N ASP A 187 -10.61 7.71 4.63
CA ASP A 187 -9.78 8.85 5.06
C ASP A 187 -9.65 9.87 3.92
N HIS A 188 -9.52 9.40 2.67
CA HIS A 188 -9.38 10.29 1.48
C HIS A 188 -10.68 10.44 0.69
N GLY A 189 -11.85 10.28 1.32
CA GLY A 189 -13.14 10.73 0.76
C GLY A 189 -13.91 9.68 -0.01
N LYS A 190 -13.50 8.42 -0.06
CA LYS A 190 -14.35 7.39 -0.74
C LYS A 190 -15.71 7.39 -0.02
N PRO A 191 -16.83 7.62 -0.73
CA PRO A 191 -18.13 7.54 -0.07
C PRO A 191 -18.41 6.05 0.13
N VAL A 192 -18.93 5.66 1.30
CA VAL A 192 -19.21 4.23 1.64
C VAL A 192 -20.59 4.15 2.29
N LYS A 193 -21.42 3.23 1.83
CA LYS A 193 -22.68 2.85 2.52
C LYS A 193 -22.32 1.67 3.42
N ASN A 194 -22.16 1.94 4.72
CA ASN A 194 -22.02 0.89 5.76
C ASN A 194 -23.18 -0.11 5.56
N ALA A 195 -22.90 -1.40 5.42
CA ALA A 195 -23.95 -2.45 5.28
C ALA A 195 -24.74 -2.59 6.59
N LEU A 196 -24.23 -2.07 7.71
CA LEU A 196 -24.99 -1.95 9.00
C LEU A 196 -25.51 -0.51 9.14
N ASP A 197 -26.75 -0.35 9.63
CA ASP A 197 -27.44 0.96 9.87
C ASP A 197 -27.18 1.40 11.32
N LEU A 198 -26.05 2.07 11.56
CA LEU A 198 -25.62 2.58 12.90
C LEU A 198 -25.54 4.11 12.88
N LYS A 199 -25.76 4.76 14.03
CA LYS A 199 -25.79 6.24 14.18
C LYS A 199 -24.40 6.85 13.92
N PHE A 200 -23.35 6.05 13.74
CA PHE A 200 -21.99 6.61 13.50
C PHE A 200 -21.85 6.93 12.01
N ASP A 201 -21.68 8.21 11.67
CA ASP A 201 -21.48 8.66 10.27
C ASP A 201 -20.01 8.45 9.90
N MET A 202 -19.75 7.52 8.98
CA MET A 202 -18.39 7.17 8.52
C MET A 202 -17.69 8.36 7.84
N GLU A 203 -18.45 9.38 7.38
CA GLU A 203 -17.87 10.68 6.91
C GLU A 203 -16.86 11.22 7.92
N GLN A 204 -17.17 11.12 9.21
CA GLN A 204 -16.28 11.61 10.31
C GLN A 204 -14.84 11.12 10.12
N LEU A 205 -14.66 9.92 9.55
CA LEU A 205 -13.30 9.35 9.38
C LEU A 205 -12.53 10.08 8.27
N LYS A 206 -13.19 10.93 7.47
CA LYS A 206 -12.46 11.75 6.45
C LYS A 206 -11.31 12.51 7.13
N ASP A 207 -10.11 12.38 6.56
CA ASP A 207 -8.85 13.06 6.98
C ASP A 207 -8.65 12.96 8.49
N SER A 208 -8.84 11.76 9.05
CA SER A 208 -8.72 11.41 10.48
C SER A 208 -7.53 10.49 10.73
N ILE A 209 -6.90 9.97 9.68
CA ILE A 209 -5.84 8.95 9.80
C ILE A 209 -4.49 9.60 9.52
N ASP A 210 -3.50 9.25 10.34
CA ASP A 210 -2.09 9.58 10.07
C ASP A 210 -1.57 8.40 9.24
N ARG A 211 -1.54 8.57 7.93
CA ARG A 211 -1.23 7.49 6.97
C ARG A 211 0.19 6.91 7.04
N GLU A 212 1.13 7.58 7.67
CA GLU A 212 2.47 6.97 7.80
C GLU A 212 2.53 6.10 9.07
N LYS A 213 1.53 6.16 9.96
CA LYS A 213 1.68 5.50 11.28
C LYS A 213 0.67 4.36 11.42
N ILE A 214 0.98 3.23 10.76
CA ILE A 214 0.05 2.08 10.58
C ILE A 214 0.77 0.85 11.15
N ALA A 215 0.09 0.14 12.03
CA ALA A 215 0.64 -1.09 12.65
C ALA A 215 -0.39 -2.19 12.52
N VAL A 216 0.09 -3.44 12.50
CA VAL A 216 -0.79 -4.65 12.56
C VAL A 216 -0.43 -5.41 13.84
N ILE A 217 -1.46 -5.84 14.56
CA ILE A 217 -1.34 -6.54 15.87
C ILE A 217 -2.26 -7.73 15.80
N GLY A 218 -1.92 -8.81 16.45
CA GLY A 218 -2.80 -9.99 16.46
C GLY A 218 -2.40 -11.01 17.48
N HIS A 219 -3.34 -11.87 17.83
CA HIS A 219 -3.18 -12.88 18.90
C HIS A 219 -3.31 -14.28 18.31
N SER A 220 -2.30 -15.11 18.58
CA SER A 220 -2.31 -16.57 18.29
C SER A 220 -2.28 -16.77 16.78
N PHE A 221 -3.40 -17.21 16.17
CA PHE A 221 -3.55 -17.30 14.71
C PHE A 221 -3.31 -15.90 14.13
N GLY A 222 -3.76 -14.90 14.88
CA GLY A 222 -3.61 -13.47 14.59
C GLY A 222 -2.15 -13.04 14.63
N GLY A 223 -1.33 -13.63 15.51
CA GLY A 223 0.11 -13.33 15.52
C GLY A 223 0.76 -13.84 14.25
N ALA A 224 0.38 -15.02 13.78
CA ALA A 224 0.87 -15.54 12.47
C ALA A 224 0.39 -14.56 11.39
N THR A 225 -0.83 -14.06 11.50
CA THR A 225 -1.42 -13.12 10.50
C THR A 225 -0.54 -11.85 10.45
N VAL A 226 -0.15 -11.31 11.59
CA VAL A 226 0.81 -10.17 11.66
C VAL A 226 1.98 -10.40 10.70
N ILE A 227 2.59 -11.57 10.75
CA ILE A 227 3.87 -11.84 10.04
C ILE A 227 3.60 -11.95 8.54
N GLN A 228 2.56 -12.70 8.17
CA GLN A 228 2.11 -12.83 6.76
C GLN A 228 1.81 -11.42 6.20
N THR A 229 1.03 -10.62 6.94
CA THR A 229 0.59 -9.26 6.51
C THR A 229 1.84 -8.40 6.28
N LEU A 230 2.76 -8.38 7.23
CA LEU A 230 4.00 -7.56 7.11
C LEU A 230 4.75 -7.95 5.83
N SER A 231 4.88 -9.25 5.58
CA SER A 231 5.60 -9.82 4.43
C SER A 231 4.99 -9.32 3.10
N GLU A 232 3.66 -9.14 3.05
CA GLU A 232 2.94 -8.81 1.80
C GLU A 232 2.79 -7.30 1.58
N ASP A 233 2.81 -6.49 2.65
CA ASP A 233 2.16 -5.15 2.68
C ASP A 233 3.01 -4.16 3.49
N GLN A 234 3.86 -3.40 2.79
CA GLN A 234 4.80 -2.42 3.40
C GLN A 234 4.09 -1.16 3.91
N ARG A 235 2.77 -1.04 3.74
CA ARG A 235 1.99 0.07 4.37
C ARG A 235 1.93 -0.13 5.88
N PHE A 236 2.06 -1.38 6.35
CA PHE A 236 2.17 -1.72 7.79
C PHE A 236 3.63 -1.49 8.17
N ARG A 237 3.91 -0.58 9.10
CA ARG A 237 5.32 -0.13 9.36
C ARG A 237 5.94 -0.92 10.50
N CYS A 238 5.11 -1.58 11.33
CA CYS A 238 5.55 -2.54 12.36
C CYS A 238 4.43 -3.52 12.72
N GLY A 239 4.80 -4.61 13.40
CA GLY A 239 3.95 -5.75 13.80
C GLY A 239 4.17 -6.10 15.26
N ILE A 240 3.08 -6.42 15.94
CA ILE A 240 3.11 -6.96 17.33
C ILE A 240 2.31 -8.24 17.32
N ALA A 241 3.01 -9.36 17.51
CA ALA A 241 2.44 -10.72 17.59
C ALA A 241 2.33 -11.10 19.06
N LEU A 242 1.08 -11.16 19.54
CA LEU A 242 0.70 -11.60 20.90
C LEU A 242 0.55 -13.13 20.88
N ASP A 243 1.43 -13.83 21.58
CA ASP A 243 1.50 -15.31 21.61
C ASP A 243 1.27 -15.86 20.20
N ALA A 244 2.16 -15.54 19.26
CA ALA A 244 2.06 -16.00 17.86
C ALA A 244 2.03 -17.51 17.86
N TRP A 245 1.09 -18.04 17.07
CA TRP A 245 1.01 -19.47 16.71
C TRP A 245 1.55 -19.58 15.29
N MET A 246 2.77 -20.11 15.17
CA MET A 246 3.61 -19.94 13.98
C MET A 246 3.35 -21.03 12.93
N PHE A 247 2.71 -22.13 13.32
CA PHE A 247 2.45 -23.33 12.47
C PHE A 247 1.91 -22.97 11.07
N PRO A 248 0.96 -22.02 10.88
CA PRO A 248 0.43 -21.79 9.53
C PRO A 248 1.38 -21.20 8.48
N LEU A 249 2.53 -20.68 8.89
CA LEU A 249 3.37 -19.82 8.01
C LEU A 249 4.22 -20.71 7.09
N GLY A 250 4.41 -20.31 5.83
CA GLY A 250 5.39 -20.95 4.93
C GLY A 250 6.82 -20.49 5.24
N ASP A 251 7.85 -21.29 4.93
CA ASP A 251 9.27 -20.92 5.23
C ASP A 251 9.70 -19.71 4.40
N GLU A 252 9.00 -19.43 3.30
CA GLU A 252 9.34 -18.28 2.40
C GLU A 252 9.10 -16.95 3.14
N VAL A 253 8.25 -16.95 4.16
CA VAL A 253 7.81 -15.72 4.88
C VAL A 253 9.00 -15.11 5.66
N TYR A 254 9.84 -15.94 6.28
CA TYR A 254 10.80 -15.52 7.34
C TYR A 254 11.83 -14.50 6.80
N SER A 255 12.16 -14.54 5.51
CA SER A 255 13.21 -13.69 4.88
C SER A 255 12.64 -12.39 4.32
N ARG A 256 11.32 -12.18 4.38
CA ARG A 256 10.61 -11.11 3.61
C ARG A 256 10.04 -10.01 4.49
N ILE A 257 10.40 -9.90 5.76
CA ILE A 257 9.77 -8.92 6.68
C ILE A 257 10.81 -7.89 7.10
N PRO A 258 10.90 -6.75 6.39
CA PRO A 258 11.81 -5.67 6.80
C PRO A 258 11.35 -4.87 8.01
N GLN A 259 10.04 -4.84 8.26
CA GLN A 259 9.45 -4.04 9.36
C GLN A 259 9.91 -4.57 10.72
N PRO A 260 10.06 -3.68 11.72
CA PRO A 260 10.12 -4.09 13.12
C PRO A 260 8.97 -5.01 13.59
N LEU A 261 9.31 -6.02 14.39
CA LEU A 261 8.36 -7.06 14.84
C LEU A 261 8.60 -7.30 16.32
N PHE A 262 7.54 -7.29 17.12
CA PHE A 262 7.56 -7.51 18.59
C PHE A 262 6.74 -8.75 18.94
N PHE A 263 7.37 -9.72 19.60
CA PHE A 263 6.70 -10.94 20.17
C PHE A 263 6.44 -10.75 21.66
N ILE A 264 5.18 -10.68 22.05
CA ILE A 264 4.74 -10.69 23.49
C ILE A 264 4.09 -12.05 23.75
N ASN A 265 4.76 -12.87 24.54
CA ASN A 265 4.42 -14.31 24.73
C ASN A 265 3.81 -14.50 26.10
N SER A 266 3.02 -15.55 26.27
CA SER A 266 2.55 -15.95 27.61
C SER A 266 3.61 -16.93 28.11
N GLU A 267 3.85 -16.94 29.42
CA GLU A 267 4.80 -17.89 30.05
C GLU A 267 4.30 -19.30 29.72
N TYR A 268 2.99 -19.55 29.83
CA TYR A 268 2.46 -20.93 29.97
C TYR A 268 1.99 -21.54 28.64
N PHE A 269 2.00 -20.78 27.56
CA PHE A 269 1.59 -21.29 26.22
C PHE A 269 2.76 -21.79 25.36
N GLN A 270 3.97 -21.22 25.48
CA GLN A 270 4.95 -21.35 24.37
C GLN A 270 5.61 -22.74 24.42
N TYR A 271 6.07 -23.23 23.28
CA TYR A 271 6.74 -24.53 23.17
C TYR A 271 7.86 -24.44 22.14
N PRO A 272 8.94 -25.24 22.28
CA PRO A 272 10.12 -25.12 21.41
C PRO A 272 9.85 -25.09 19.90
N ALA A 273 8.92 -25.88 19.39
CA ALA A 273 8.64 -25.94 17.92
C ALA A 273 8.07 -24.59 17.46
N ASN A 274 7.43 -23.88 18.37
CA ASN A 274 6.85 -22.55 18.07
C ASN A 274 7.93 -21.49 18.13
N ILE A 275 8.71 -21.49 19.21
CA ILE A 275 9.79 -20.51 19.50
C ILE A 275 10.85 -20.55 18.39
N ILE A 276 11.26 -21.74 17.94
CA ILE A 276 12.27 -21.84 16.86
C ILE A 276 11.85 -21.00 15.66
N LYS A 277 10.56 -21.04 15.26
CA LYS A 277 10.02 -20.29 14.11
C LYS A 277 10.11 -18.80 14.39
N MET A 278 9.81 -18.38 15.63
CA MET A 278 9.99 -16.97 16.05
C MET A 278 11.46 -16.58 15.81
N LYS A 279 12.39 -17.47 16.16
CA LYS A 279 13.85 -17.13 16.14
C LYS A 279 14.34 -17.11 14.69
N LYS A 280 13.61 -17.70 13.75
CA LYS A 280 13.99 -17.70 12.32
C LYS A 280 13.70 -16.31 11.74
N CYS A 281 12.97 -15.48 12.47
CA CYS A 281 12.69 -14.06 12.09
C CYS A 281 13.87 -13.14 12.41
N TYR A 282 14.79 -13.57 13.28
CA TYR A 282 15.90 -12.72 13.80
C TYR A 282 16.99 -12.64 12.75
N SER A 283 17.58 -11.45 12.66
CA SER A 283 18.57 -11.06 11.63
C SER A 283 19.17 -9.75 12.07
N PRO A 284 20.52 -9.58 12.03
CA PRO A 284 21.15 -8.37 12.55
C PRO A 284 20.70 -7.09 11.83
N ASP A 285 20.24 -7.20 10.58
CA ASP A 285 19.67 -6.05 9.84
C ASP A 285 18.19 -5.79 10.20
N LYS A 286 17.59 -6.50 11.17
CA LYS A 286 16.14 -6.29 11.50
C LYS A 286 15.93 -6.10 12.99
N GLU A 287 14.93 -5.32 13.37
CA GLU A 287 14.51 -5.12 14.78
C GLU A 287 13.49 -6.19 15.15
N ARG A 288 13.92 -7.12 16.02
CA ARG A 288 13.06 -8.15 16.65
C ARG A 288 13.25 -8.09 18.17
N LYS A 289 12.14 -7.93 18.86
CA LYS A 289 12.11 -7.95 20.34
C LYS A 289 11.16 -9.05 20.77
N MET A 290 11.48 -9.66 21.90
CA MET A 290 10.68 -10.72 22.52
C MET A 290 10.69 -10.54 24.02
N ILE A 291 9.50 -10.52 24.62
CA ILE A 291 9.28 -10.65 26.08
C ILE A 291 8.26 -11.74 26.37
N THR A 292 8.29 -12.22 27.61
CA THR A 292 7.32 -13.21 28.14
C THR A 292 6.69 -12.61 29.41
N ILE A 293 5.37 -12.72 29.54
CA ILE A 293 4.68 -12.24 30.78
C ILE A 293 4.66 -13.41 31.75
N ARG A 294 5.22 -13.17 32.95
CA ARG A 294 5.39 -14.20 34.01
C ARG A 294 4.01 -14.54 34.56
N GLY A 295 3.67 -15.82 34.60
CA GLY A 295 2.48 -16.35 35.28
C GLY A 295 1.25 -16.25 34.40
N SER A 296 1.44 -15.90 33.11
CA SER A 296 0.39 -15.73 32.07
C SER A 296 0.16 -17.01 31.28
N VAL A 297 -1.11 -17.25 30.90
CA VAL A 297 -1.57 -18.29 29.95
C VAL A 297 -1.99 -17.57 28.66
N HIS A 298 -2.17 -18.33 27.60
CA HIS A 298 -2.64 -17.89 26.27
C HIS A 298 -3.80 -16.87 26.37
N GLN A 299 -4.84 -17.17 27.16
CA GLN A 299 -6.13 -16.42 27.16
C GLN A 299 -5.94 -15.05 27.84
N ASN A 300 -4.78 -14.77 28.43
CA ASN A 300 -4.56 -13.48 29.14
C ASN A 300 -4.63 -12.32 28.13
N PHE A 301 -4.45 -12.63 26.85
CA PHE A 301 -4.49 -11.62 25.78
C PHE A 301 -5.92 -11.33 25.33
N ALA A 302 -6.90 -12.16 25.69
CA ALA A 302 -8.30 -12.03 25.22
C ALA A 302 -9.26 -11.70 26.38
N ASP A 303 -10.45 -11.23 26.04
CA ASP A 303 -11.47 -10.65 26.96
C ASP A 303 -12.07 -11.71 27.91
N PHE A 304 -12.02 -13.00 27.58
CA PHE A 304 -12.55 -14.11 28.42
C PHE A 304 -11.73 -14.26 29.71
N THR A 305 -10.52 -13.69 29.78
CA THR A 305 -9.71 -13.59 31.03
C THR A 305 -10.38 -12.67 32.06
N PHE A 306 -11.36 -11.85 31.66
CA PHE A 306 -12.05 -10.88 32.56
C PHE A 306 -13.51 -11.29 32.82
N ALA A 307 -13.95 -12.40 32.25
CA ALA A 307 -15.37 -12.79 32.14
C ALA A 307 -15.83 -13.56 33.38
N THR A 308 -14.90 -14.18 34.11
CA THR A 308 -15.18 -15.05 35.29
C THR A 308 -14.36 -14.55 36.48
N GLY A 309 -14.62 -15.15 37.65
CA GLY A 309 -13.88 -14.88 38.90
C GLY A 309 -12.56 -15.62 38.92
N LYS A 310 -11.68 -15.21 39.83
CA LYS A 310 -10.33 -15.79 40.05
C LYS A 310 -10.37 -17.34 39.95
N ILE A 311 -11.22 -18.05 40.70
CA ILE A 311 -11.09 -19.53 40.86
C ILE A 311 -11.55 -20.25 39.58
N ILE A 312 -12.72 -19.89 39.05
CA ILE A 312 -13.27 -20.48 37.80
C ILE A 312 -12.33 -20.11 36.62
N GLY A 313 -11.77 -18.89 36.65
CA GLY A 313 -10.75 -18.44 35.68
C GLY A 313 -9.63 -19.46 35.52
N HIS A 314 -8.97 -19.80 36.64
CA HIS A 314 -7.84 -20.77 36.74
C HIS A 314 -8.30 -22.17 36.34
N MET A 315 -9.45 -22.61 36.84
CA MET A 315 -10.04 -23.94 36.49
C MET A 315 -10.14 -24.03 34.97
N LEU A 316 -10.59 -22.96 34.31
CA LEU A 316 -10.92 -22.99 32.85
C LEU A 316 -9.72 -22.59 31.98
N LYS A 317 -8.64 -22.06 32.58
CA LYS A 317 -7.38 -21.67 31.87
C LYS A 317 -7.58 -20.31 31.16
N LEU A 318 -8.53 -19.53 31.66
CA LEU A 318 -8.84 -18.16 31.18
C LEU A 318 -7.92 -17.17 31.91
N LYS A 319 -7.43 -17.57 33.08
CA LYS A 319 -6.52 -16.74 33.90
C LYS A 319 -5.30 -17.58 34.26
N GLY A 320 -4.16 -16.91 34.47
CA GLY A 320 -2.96 -17.55 35.06
C GLY A 320 -2.74 -17.10 36.50
N ASP A 321 -1.51 -17.26 37.00
CA ASP A 321 -1.13 -16.94 38.41
C ASP A 321 -1.06 -15.42 38.57
N ILE A 322 -0.68 -14.72 37.51
CA ILE A 322 -0.67 -13.24 37.45
C ILE A 322 -2.11 -12.72 37.40
N ASP A 323 -2.33 -11.53 37.96
CA ASP A 323 -3.63 -10.82 37.86
C ASP A 323 -3.87 -10.43 36.38
N SER A 324 -5.07 -10.69 35.88
CA SER A 324 -5.48 -10.44 34.47
C SER A 324 -5.26 -8.96 34.11
N ASN A 325 -5.61 -8.04 35.02
CA ASN A 325 -5.41 -6.58 34.83
C ASN A 325 -3.91 -6.28 34.77
N VAL A 326 -3.10 -6.99 35.55
CA VAL A 326 -1.65 -6.67 35.59
C VAL A 326 -1.01 -7.20 34.29
N ALA A 327 -1.41 -8.38 33.80
CA ALA A 327 -0.91 -8.95 32.53
C ALA A 327 -1.17 -7.99 31.35
N ILE A 328 -2.43 -7.55 31.21
CA ILE A 328 -2.86 -6.79 30.01
C ILE A 328 -2.21 -5.40 30.05
N ASP A 329 -2.02 -4.83 31.24
CA ASP A 329 -1.28 -3.54 31.42
C ASP A 329 0.14 -3.69 30.86
N LEU A 330 0.81 -4.79 31.17
CA LEU A 330 2.21 -5.01 30.74
C LEU A 330 2.24 -5.13 29.20
N SER A 331 1.32 -5.92 28.65
CA SER A 331 1.12 -6.10 27.18
C SER A 331 0.88 -4.75 26.51
N ASN A 332 -0.12 -4.00 26.97
CA ASN A 332 -0.59 -2.73 26.35
C ASN A 332 0.51 -1.68 26.44
N LYS A 333 1.18 -1.58 27.59
CA LYS A 333 2.23 -0.55 27.85
C LYS A 333 3.49 -0.84 27.03
N ALA A 334 3.92 -2.10 27.00
CA ALA A 334 5.02 -2.60 26.15
C ALA A 334 4.72 -2.30 24.68
N SER A 335 3.48 -2.61 24.25
CA SER A 335 3.00 -2.36 22.87
C SER A 335 3.13 -0.85 22.59
N LEU A 336 2.63 0.00 23.49
CA LEU A 336 2.63 1.48 23.30
C LEU A 336 4.07 1.96 23.08
N ALA A 337 5.01 1.56 23.93
CA ALA A 337 6.43 1.95 23.80
C ALA A 337 6.95 1.51 22.43
N PHE A 338 6.65 0.26 22.04
CA PHE A 338 7.10 -0.27 20.73
C PHE A 338 6.50 0.58 19.58
N LEU A 339 5.19 0.87 19.60
CA LEU A 339 4.51 1.69 18.57
C LEU A 339 5.10 3.11 18.61
N GLN A 340 5.43 3.66 19.77
CA GLN A 340 6.09 4.99 19.80
C GLN A 340 7.44 4.91 19.08
N LYS A 341 8.22 3.86 19.34
CA LYS A 341 9.58 3.72 18.78
C LYS A 341 9.49 3.64 17.26
N HIS A 342 8.64 2.78 16.73
CA HIS A 342 8.75 2.40 15.29
C HIS A 342 7.72 3.14 14.44
N LEU A 343 6.78 3.90 15.03
CA LEU A 343 5.87 4.77 14.24
C LEU A 343 6.28 6.23 14.37
N GLY A 344 7.30 6.52 15.18
CA GLY A 344 7.70 7.92 15.47
C GLY A 344 6.57 8.71 16.13
N LEU A 345 5.92 8.19 17.17
CA LEU A 345 4.93 9.00 17.90
C LEU A 345 5.64 9.99 18.84
N HIS A 346 5.00 11.13 19.07
CA HIS A 346 5.47 12.24 19.94
C HIS A 346 4.62 12.25 21.21
N LYS A 347 4.61 11.12 21.90
CA LYS A 347 3.84 10.91 23.14
C LYS A 347 4.83 10.52 24.24
N ASP A 348 4.33 10.07 25.39
CA ASP A 348 5.14 9.78 26.60
C ASP A 348 5.29 8.25 26.75
N PHE A 349 5.09 7.49 25.69
CA PHE A 349 5.06 6.01 25.77
C PHE A 349 6.47 5.45 25.96
N ASP A 350 7.51 6.24 25.68
CA ASP A 350 8.94 5.87 25.87
C ASP A 350 9.25 5.64 27.35
N GLN A 351 8.36 6.04 28.27
CA GLN A 351 8.49 5.78 29.73
C GLN A 351 8.50 4.27 29.99
N TRP A 352 7.86 3.48 29.10
CA TRP A 352 7.71 2.01 29.24
C TRP A 352 8.73 1.30 28.33
N ASP A 353 9.69 2.04 27.79
CA ASP A 353 10.76 1.47 26.92
C ASP A 353 11.37 0.24 27.60
N CYS A 354 11.51 0.28 28.92
CA CYS A 354 12.12 -0.79 29.75
C CYS A 354 11.32 -2.10 29.64
N LEU A 355 10.00 -2.03 29.40
CA LEU A 355 9.15 -3.24 29.31
C LEU A 355 9.46 -3.98 27.99
N ILE A 356 9.98 -3.27 26.98
CA ILE A 356 10.36 -3.91 25.70
C ILE A 356 11.55 -4.86 25.93
N GLU A 357 12.42 -4.51 26.88
CA GLU A 357 13.64 -5.28 27.25
C GLU A 357 13.30 -6.33 28.31
N GLY A 358 12.05 -6.40 28.75
CA GLY A 358 11.59 -7.38 29.77
C GLY A 358 12.06 -7.01 31.18
N ASP A 359 12.25 -5.71 31.46
CA ASP A 359 12.76 -5.20 32.75
C ASP A 359 11.59 -4.88 33.69
N ASP A 360 11.05 -5.91 34.33
CA ASP A 360 9.91 -5.86 35.28
C ASP A 360 9.88 -7.18 36.04
N GLU A 361 9.34 -7.17 37.26
CA GLU A 361 9.19 -8.36 38.14
C GLU A 361 8.38 -9.41 37.39
N ASN A 362 7.45 -8.94 36.54
CA ASN A 362 6.41 -9.75 35.86
C ASN A 362 6.75 -10.00 34.38
N LEU A 363 7.95 -9.63 33.92
CA LEU A 363 8.40 -9.94 32.53
C LEU A 363 9.67 -10.77 32.58
N ILE A 364 9.78 -11.68 31.61
CA ILE A 364 11.05 -12.34 31.23
C ILE A 364 11.51 -11.69 29.92
N PRO A 365 12.75 -11.17 29.86
CA PRO A 365 13.37 -10.84 28.57
C PRO A 365 13.41 -12.08 27.68
N GLY A 366 13.05 -11.95 26.41
CA GLY A 366 13.01 -13.11 25.49
C GLY A 366 12.02 -14.17 25.97
N THR A 367 12.46 -15.42 26.12
CA THR A 367 11.61 -16.61 26.39
C THR A 367 12.24 -17.50 27.46
N ASN A 368 11.41 -18.09 28.34
CA ASN A 368 11.76 -19.25 29.19
C ASN A 368 12.25 -20.42 28.32
N ILE A 369 11.76 -20.59 27.09
CA ILE A 369 12.21 -21.74 26.22
C ILE A 369 13.74 -21.68 25.99
N ASN A 370 14.33 -20.54 25.61
CA ASN A 370 15.81 -20.35 25.69
C ASN A 370 16.35 -21.14 26.90
N THR B 1 21.03 12.79 -33.56
CA THR B 1 19.59 12.38 -33.60
C THR B 1 19.45 10.96 -33.03
N LYS B 2 19.93 10.75 -31.78
CA LYS B 2 19.79 9.48 -31.00
C LYS B 2 19.48 9.79 -29.54
N ILE B 3 18.90 8.82 -28.85
CA ILE B 3 18.47 8.93 -27.43
C ILE B 3 19.70 8.60 -26.59
N PRO B 4 20.06 9.44 -25.57
CA PRO B 4 21.29 9.21 -24.81
C PRO B 4 21.31 7.93 -23.95
N ARG B 5 22.46 7.24 -23.95
CA ARG B 5 22.74 6.06 -23.11
C ARG B 5 22.58 6.48 -21.64
N GLY B 6 22.38 5.49 -20.78
CA GLY B 6 22.36 5.69 -19.31
C GLY B 6 23.73 6.16 -18.81
N ASN B 7 23.73 7.03 -17.79
CA ASN B 7 24.95 7.67 -17.25
C ASN B 7 25.47 6.86 -16.04
N GLY B 8 24.67 5.96 -15.49
CA GLY B 8 25.07 5.13 -14.34
C GLY B 8 25.96 3.97 -14.74
N PRO B 9 26.50 3.20 -13.74
CA PRO B 9 27.39 2.07 -14.00
C PRO B 9 26.74 0.80 -14.60
N TYR B 10 25.46 0.55 -14.33
CA TYR B 10 24.79 -0.68 -14.81
C TYR B 10 24.47 -0.57 -16.30
N SER B 11 24.65 -1.67 -17.03
CA SER B 11 24.07 -1.89 -18.37
C SER B 11 22.55 -2.04 -18.19
N VAL B 12 21.77 -1.63 -19.18
CA VAL B 12 20.29 -1.56 -19.10
C VAL B 12 19.66 -2.54 -20.08
N GLY B 13 18.71 -3.33 -19.60
CA GLY B 13 17.86 -4.18 -20.44
C GLY B 13 16.47 -3.60 -20.59
N CYS B 14 15.71 -4.12 -21.56
CA CYS B 14 14.32 -3.68 -21.80
C CYS B 14 13.47 -4.83 -22.33
N THR B 15 12.25 -4.95 -21.81
CA THR B 15 11.19 -5.89 -22.29
C THR B 15 9.83 -5.22 -22.14
N ASP B 16 8.80 -5.90 -22.64
CA ASP B 16 7.37 -5.53 -22.54
C ASP B 16 6.64 -6.66 -21.82
N LEU B 17 5.72 -6.30 -20.93
CA LEU B 17 4.79 -7.22 -20.22
C LEU B 17 3.36 -6.74 -20.46
N MET B 18 2.47 -7.61 -20.94
CA MET B 18 1.02 -7.40 -20.89
C MET B 18 0.39 -8.56 -20.11
N PHE B 19 -0.31 -8.25 -19.01
CA PHE B 19 -1.02 -9.26 -18.19
C PHE B 19 -2.10 -8.56 -17.40
N ASP B 20 -3.36 -9.00 -17.52
CA ASP B 20 -3.81 -10.01 -18.47
C ASP B 20 -3.92 -9.40 -19.89
N HIS B 21 -4.51 -10.13 -20.82
CA HIS B 21 -4.58 -9.78 -22.27
C HIS B 21 -5.65 -8.71 -22.57
N THR B 22 -6.50 -8.37 -21.60
CA THR B 22 -7.64 -7.44 -21.86
C THR B 22 -7.15 -5.99 -21.73
N ASN B 23 -8.02 -5.05 -22.05
CA ASN B 23 -7.76 -3.61 -21.84
C ASN B 23 -8.00 -3.25 -20.37
N LYS B 24 -8.30 -4.22 -19.48
CA LYS B 24 -8.34 -4.03 -17.99
C LYS B 24 -7.05 -4.52 -17.35
N GLY B 25 -6.18 -5.15 -18.15
CA GLY B 25 -4.91 -5.68 -17.67
C GLY B 25 -3.85 -4.58 -17.61
N THR B 26 -2.68 -4.91 -17.09
CA THR B 26 -1.49 -4.05 -17.10
C THR B 26 -0.73 -4.26 -18.42
N PHE B 27 -0.35 -3.14 -19.03
CA PHE B 27 0.59 -3.08 -20.16
C PHE B 27 1.73 -2.15 -19.75
N LEU B 28 2.95 -2.66 -19.71
CA LEU B 28 4.09 -1.80 -19.32
C LEU B 28 5.34 -2.23 -20.10
N ARG B 29 6.19 -1.26 -20.36
CA ARG B 29 7.59 -1.48 -20.77
C ARG B 29 8.50 -1.37 -19.52
N LEU B 30 9.33 -2.39 -19.34
CA LEU B 30 10.22 -2.57 -18.18
C LEU B 30 11.62 -2.16 -18.63
N TYR B 31 12.24 -1.24 -17.92
CA TYR B 31 13.70 -0.95 -18.05
C TYR B 31 14.35 -1.43 -16.77
N TYR B 32 15.48 -2.13 -16.88
CA TYR B 32 16.10 -2.82 -15.73
C TYR B 32 17.60 -2.98 -15.92
N PRO B 33 18.34 -3.14 -14.81
CA PRO B 33 19.77 -3.45 -14.90
C PRO B 33 19.94 -4.86 -15.51
N SER B 34 20.65 -4.93 -16.63
CA SER B 34 20.94 -6.18 -17.38
C SER B 34 22.33 -6.72 -17.04
N GLN B 35 22.57 -8.01 -17.33
CA GLN B 35 23.91 -8.66 -17.17
C GLN B 35 24.78 -8.27 -18.39
N ASP B 36 24.56 -8.94 -19.53
CA ASP B 36 25.28 -8.63 -20.80
C ASP B 36 24.89 -7.23 -21.28
N ASN B 37 25.83 -6.50 -21.90
CA ASN B 37 25.63 -5.13 -22.46
C ASN B 37 25.98 -5.10 -23.95
N ASP B 38 25.88 -6.23 -24.65
CA ASP B 38 26.31 -6.39 -26.08
C ASP B 38 25.37 -5.61 -27.01
N ARG B 39 24.14 -6.10 -27.22
CA ARG B 39 23.13 -5.45 -28.09
C ARG B 39 22.46 -4.30 -27.33
N LEU B 40 22.34 -3.12 -27.99
CA LEU B 40 21.50 -1.94 -27.58
C LEU B 40 20.45 -1.72 -28.68
N ASP B 41 19.49 -2.66 -28.75
CA ASP B 41 18.75 -3.05 -30.00
C ASP B 41 17.24 -2.90 -29.82
N THR B 42 16.77 -2.07 -28.86
CA THR B 42 15.31 -1.93 -28.59
C THR B 42 14.69 -0.96 -29.60
N LEU B 43 13.65 -1.40 -30.31
CA LEU B 43 12.84 -0.54 -31.20
C LEU B 43 12.08 0.53 -30.39
N TRP B 44 12.16 1.79 -30.83
CA TRP B 44 11.63 2.94 -30.06
C TRP B 44 10.10 3.00 -30.11
N ILE B 45 9.55 3.02 -31.33
CA ILE B 45 8.08 3.01 -31.55
C ILE B 45 7.77 1.75 -32.33
N PRO B 46 7.30 0.67 -31.65
CA PRO B 46 7.34 -0.68 -32.20
C PRO B 46 6.23 -1.04 -33.20
N ASN B 47 5.26 -0.17 -33.47
CA ASN B 47 4.10 -0.53 -34.33
C ASN B 47 3.66 0.70 -35.12
N LYS B 48 3.20 0.46 -36.34
CA LYS B 48 2.68 1.49 -37.28
C LYS B 48 1.54 2.29 -36.64
N GLU B 49 0.69 1.67 -35.82
CA GLU B 49 -0.56 2.31 -35.31
C GLU B 49 -0.23 3.45 -34.35
N TYR B 50 0.90 3.38 -33.65
CA TYR B 50 1.39 4.45 -32.74
C TYR B 50 1.60 5.71 -33.57
N PHE B 51 2.13 5.54 -34.78
CA PHE B 51 2.33 6.66 -35.74
C PHE B 51 0.97 7.22 -36.23
N TRP B 52 -0.01 6.36 -36.55
CA TRP B 52 -1.35 6.86 -36.97
C TRP B 52 -1.92 7.64 -35.79
N GLY B 53 -1.69 7.12 -34.58
CA GLY B 53 -2.14 7.71 -33.31
C GLY B 53 -1.58 9.10 -33.12
N LEU B 54 -0.25 9.26 -33.28
CA LEU B 54 0.44 10.55 -33.07
C LEU B 54 -0.12 11.59 -34.07
N SER B 55 -0.27 11.19 -35.33
CA SER B 55 -0.92 12.04 -36.38
C SER B 55 -2.30 12.54 -35.94
N LYS B 56 -3.17 11.67 -35.42
CA LYS B 56 -4.54 12.10 -34.98
C LYS B 56 -4.37 13.15 -33.88
N PHE B 57 -3.48 12.86 -32.91
CA PHE B 57 -3.23 13.72 -31.72
C PHE B 57 -2.75 15.09 -32.22
N LEU B 58 -1.85 15.09 -33.21
CA LEU B 58 -1.21 16.31 -33.74
C LEU B 58 -2.21 17.12 -34.58
N GLY B 59 -3.40 16.58 -34.86
CA GLY B 59 -4.48 17.33 -35.53
C GLY B 59 -4.22 17.40 -37.02
N THR B 60 -3.74 16.30 -37.57
CA THR B 60 -3.00 16.19 -38.85
C THR B 60 -3.60 15.07 -39.69
N HIS B 61 -3.39 15.10 -41.00
CA HIS B 61 -3.89 14.15 -42.03
C HIS B 61 -3.56 12.70 -41.65
N TRP B 62 -4.08 11.73 -42.41
CA TRP B 62 -3.72 10.29 -42.29
C TRP B 62 -2.39 10.04 -43.01
N LEU B 63 -1.99 10.97 -43.90
CA LEU B 63 -0.73 10.89 -44.66
C LEU B 63 0.45 11.00 -43.68
N MET B 64 0.41 12.00 -42.80
CA MET B 64 1.52 12.30 -41.84
C MET B 64 1.84 11.06 -41.00
N GLY B 65 0.82 10.26 -40.66
CA GLY B 65 1.05 8.95 -40.01
C GLY B 65 2.15 8.19 -40.75
N ASN B 66 1.94 7.97 -42.05
CA ASN B 66 2.89 7.22 -42.92
C ASN B 66 4.24 7.97 -42.96
N ILE B 67 4.23 9.29 -42.94
CA ILE B 67 5.48 10.11 -43.04
C ILE B 67 6.29 9.91 -41.75
N LEU B 68 5.64 9.98 -40.59
CA LEU B 68 6.27 9.76 -39.26
C LEU B 68 6.84 8.34 -39.22
N ARG B 69 6.07 7.37 -39.71
CA ARG B 69 6.53 5.96 -39.76
C ARG B 69 7.84 5.86 -40.55
N LEU B 70 7.95 6.58 -41.66
CA LEU B 70 9.14 6.52 -42.56
C LEU B 70 10.38 7.12 -41.87
N LEU B 71 10.22 8.24 -41.16
CA LEU B 71 11.33 8.93 -40.46
C LEU B 71 11.73 8.17 -39.18
N PHE B 72 10.78 7.73 -38.36
CA PHE B 72 11.07 7.27 -36.96
C PHE B 72 10.93 5.74 -36.82
N GLY B 73 10.41 5.07 -37.84
CA GLY B 73 9.90 3.68 -37.75
C GLY B 73 10.96 2.66 -37.38
N SER B 74 12.25 2.94 -37.58
CA SER B 74 13.32 1.95 -37.33
C SER B 74 14.33 2.50 -36.31
N MET B 75 14.04 3.66 -35.72
CA MET B 75 14.86 4.24 -34.63
C MET B 75 14.89 3.27 -33.43
N THR B 76 16.07 3.08 -32.85
CA THR B 76 16.29 2.29 -31.60
C THR B 76 16.43 3.24 -30.42
N THR B 77 16.34 2.68 -29.22
CA THR B 77 16.67 3.35 -27.93
C THR B 77 17.68 2.46 -27.25
N PRO B 78 18.74 3.01 -26.63
CA PRO B 78 19.90 2.21 -26.16
C PRO B 78 19.65 1.29 -24.97
N ALA B 79 18.87 0.24 -25.17
CA ALA B 79 18.66 -0.81 -24.15
C ALA B 79 18.75 -2.18 -24.83
N ASN B 80 19.35 -3.15 -24.13
CA ASN B 80 19.44 -4.57 -24.58
C ASN B 80 18.05 -5.22 -24.47
N TRP B 81 17.38 -5.48 -25.59
CA TRP B 81 16.00 -6.05 -25.67
C TRP B 81 16.00 -7.51 -25.18
N ASN B 82 15.23 -7.77 -24.12
CA ASN B 82 15.07 -9.11 -23.46
C ASN B 82 16.37 -9.61 -22.85
N SER B 83 17.37 -8.75 -22.63
CA SER B 83 18.64 -9.13 -21.96
C SER B 83 18.32 -9.53 -20.52
N PRO B 84 18.85 -10.65 -19.98
CA PRO B 84 18.42 -11.10 -18.65
C PRO B 84 18.65 -10.05 -17.56
N LEU B 85 17.91 -10.16 -16.47
CA LEU B 85 18.04 -9.28 -15.29
C LEU B 85 19.37 -9.57 -14.56
N ARG B 86 20.07 -8.52 -14.10
CA ARG B 86 21.28 -8.68 -13.24
C ARG B 86 20.86 -9.28 -11.89
N PRO B 87 21.28 -10.54 -11.58
CA PRO B 87 20.76 -11.29 -10.43
C PRO B 87 21.38 -10.96 -9.06
N GLY B 88 20.80 -11.56 -8.00
CA GLY B 88 21.31 -11.56 -6.61
C GLY B 88 21.42 -10.16 -6.00
N GLU B 89 20.56 -9.23 -6.44
CA GLU B 89 20.40 -7.88 -5.84
C GLU B 89 18.91 -7.50 -5.86
N LYS B 90 18.46 -6.79 -4.82
CA LYS B 90 17.09 -6.23 -4.70
C LYS B 90 17.17 -4.75 -5.13
N TYR B 91 16.26 -4.32 -6.01
CA TYR B 91 16.31 -3.00 -6.71
C TYR B 91 15.09 -2.16 -6.39
N PRO B 92 15.25 -0.83 -6.21
CA PRO B 92 14.10 0.05 -6.02
C PRO B 92 13.24 0.15 -7.27
N LEU B 93 11.95 0.40 -7.12
CA LEU B 93 10.96 0.33 -8.23
C LEU B 93 10.40 1.73 -8.50
N VAL B 94 10.49 2.18 -9.74
CA VAL B 94 9.77 3.38 -10.23
C VAL B 94 8.66 2.97 -11.16
N VAL B 95 7.43 3.39 -10.89
CA VAL B 95 6.32 3.32 -11.88
C VAL B 95 6.25 4.67 -12.60
N PHE B 96 6.28 4.67 -13.95
CA PHE B 96 6.33 5.90 -14.75
C PHE B 96 5.08 6.07 -15.60
N SER B 97 4.50 7.27 -15.58
CA SER B 97 3.22 7.62 -16.23
C SER B 97 3.47 8.59 -17.39
N HIS B 98 3.20 8.17 -18.62
CA HIS B 98 3.36 8.99 -19.87
C HIS B 98 2.32 10.14 -19.93
N GLY B 99 2.57 11.16 -20.77
CA GLY B 99 1.70 12.34 -20.93
C GLY B 99 0.56 12.13 -21.93
N LEU B 100 -0.44 13.07 -21.93
CA LEU B 100 -1.43 13.07 -23.08
C LEU B 100 -0.84 12.91 -24.48
N GLY B 101 -1.38 11.96 -25.25
CA GLY B 101 -0.93 11.71 -26.63
C GLY B 101 0.36 10.93 -26.70
N ALA B 102 0.94 10.53 -25.58
CA ALA B 102 2.16 9.68 -25.57
C ALA B 102 1.77 8.20 -25.37
N PHE B 103 2.73 7.40 -24.97
CA PHE B 103 2.56 5.95 -24.71
C PHE B 103 3.84 5.46 -24.02
N ARG B 104 3.93 4.17 -23.75
CA ARG B 104 4.89 3.63 -22.75
C ARG B 104 6.34 3.84 -23.19
N THR B 105 6.62 3.89 -24.50
CA THR B 105 8.01 3.83 -25.06
C THR B 105 8.65 5.21 -25.24
N LEU B 106 7.96 6.32 -24.96
CA LEU B 106 8.45 7.66 -25.37
C LEU B 106 9.26 8.33 -24.25
N TYR B 107 9.53 7.65 -23.12
CA TYR B 107 10.29 8.30 -22.01
C TYR B 107 11.53 7.48 -21.66
N SER B 108 12.15 6.87 -22.67
CA SER B 108 13.21 5.85 -22.50
C SER B 108 14.48 6.56 -22.06
N ALA B 109 14.67 7.80 -22.48
CA ALA B 109 15.81 8.62 -22.05
C ALA B 109 15.80 8.62 -20.52
N ILE B 110 14.62 8.77 -19.91
CA ILE B 110 14.49 8.83 -18.42
C ILE B 110 14.56 7.40 -17.89
N GLY B 111 13.81 6.45 -18.49
CA GLY B 111 13.76 5.05 -17.99
C GLY B 111 15.16 4.42 -17.99
N ILE B 112 15.89 4.60 -19.07
CA ILE B 112 17.23 3.97 -19.23
C ILE B 112 18.19 4.62 -18.21
N ASP B 113 18.08 5.92 -18.01
CA ASP B 113 19.01 6.60 -17.08
C ASP B 113 18.75 6.09 -15.65
N LEU B 114 17.48 5.98 -15.24
CA LEU B 114 17.13 5.43 -13.90
C LEU B 114 17.63 3.98 -13.81
N ALA B 115 17.41 3.17 -14.84
CA ALA B 115 17.82 1.74 -14.83
C ALA B 115 19.34 1.66 -14.69
N SER B 116 20.09 2.55 -15.36
CA SER B 116 21.58 2.52 -15.37
C SER B 116 22.15 2.90 -13.99
N HIS B 117 21.30 3.42 -13.10
CA HIS B 117 21.60 3.73 -11.67
C HIS B 117 21.05 2.65 -10.73
N GLY B 118 20.50 1.55 -11.25
CA GLY B 118 20.09 0.42 -10.39
C GLY B 118 18.62 0.46 -10.01
N PHE B 119 17.78 1.07 -10.85
CA PHE B 119 16.31 1.01 -10.70
C PHE B 119 15.75 0.01 -11.69
N ILE B 120 14.69 -0.67 -11.26
CA ILE B 120 13.67 -1.21 -12.20
C ILE B 120 12.65 -0.09 -12.45
N VAL B 121 12.42 0.23 -13.74
CA VAL B 121 11.42 1.26 -14.18
C VAL B 121 10.28 0.57 -14.96
N ALA B 122 9.07 0.63 -14.42
CA ALA B 122 7.82 0.15 -15.07
C ALA B 122 7.10 1.34 -15.71
N ALA B 123 7.28 1.49 -17.03
CA ALA B 123 6.65 2.53 -17.85
C ALA B 123 5.31 2.03 -18.39
N VAL B 124 4.23 2.43 -17.75
CA VAL B 124 2.86 1.91 -18.00
C VAL B 124 2.37 2.49 -19.32
N GLU B 125 1.54 1.74 -20.03
CA GLU B 125 0.74 2.28 -21.16
C GLU B 125 -0.69 2.45 -20.68
N HIS B 126 -1.23 3.66 -20.72
CA HIS B 126 -2.57 3.90 -20.15
C HIS B 126 -3.64 3.50 -21.16
N ARG B 127 -4.77 2.96 -20.69
CA ARG B 127 -5.93 2.59 -21.52
C ARG B 127 -7.09 3.53 -21.23
N ASP B 128 -6.84 4.67 -20.55
CA ASP B 128 -7.83 5.74 -20.24
C ASP B 128 -8.21 6.53 -21.50
N ARG B 129 -7.77 6.09 -22.67
CA ARG B 129 -7.92 6.79 -23.98
C ARG B 129 -7.22 8.16 -23.98
N SER B 130 -6.17 8.35 -23.17
CA SER B 130 -5.26 9.52 -23.24
C SER B 130 -4.01 9.19 -24.07
N ALA B 131 -3.70 7.91 -24.26
CA ALA B 131 -2.59 7.46 -25.12
C ALA B 131 -2.91 7.75 -26.59
N SER B 132 -1.95 8.23 -27.36
CA SER B 132 -2.14 8.37 -28.84
C SER B 132 -2.74 7.07 -29.38
N ALA B 133 -2.15 5.96 -28.97
CA ALA B 133 -2.64 4.61 -29.27
C ALA B 133 -2.20 3.67 -28.18
N THR B 134 -2.99 2.64 -27.96
CA THR B 134 -2.58 1.43 -27.24
C THR B 134 -3.36 0.28 -27.86
N TYR B 135 -3.05 -0.94 -27.46
CA TYR B 135 -3.81 -2.12 -27.93
C TYR B 135 -4.02 -3.07 -26.78
N TYR B 136 -5.01 -3.93 -26.99
CA TYR B 136 -5.35 -5.09 -26.13
C TYR B 136 -5.71 -6.25 -27.07
N PHE B 137 -6.06 -7.40 -26.49
CA PHE B 137 -6.61 -8.57 -27.19
C PHE B 137 -8.03 -8.85 -26.69
N LYS B 138 -8.96 -9.15 -27.61
CA LYS B 138 -10.37 -9.45 -27.26
C LYS B 138 -10.47 -10.74 -26.44
N ASP B 139 -9.57 -11.71 -26.66
CA ASP B 139 -9.56 -13.00 -25.92
C ASP B 139 -8.20 -13.69 -26.11
N GLN B 140 -8.02 -14.85 -25.47
CA GLN B 140 -6.75 -15.65 -25.51
C GLN B 140 -6.40 -16.03 -26.96
N SER B 141 -7.40 -16.40 -27.79
CA SER B 141 -7.25 -16.81 -29.22
C SER B 141 -6.61 -15.67 -30.04
N ALA B 142 -7.16 -14.46 -29.92
CA ALA B 142 -6.63 -13.18 -30.45
C ALA B 142 -5.17 -12.98 -30.02
N ALA B 143 -4.86 -13.11 -28.74
CA ALA B 143 -3.48 -12.88 -28.22
C ALA B 143 -2.49 -13.89 -28.84
N GLU B 144 -2.90 -15.14 -29.05
CA GLU B 144 -1.98 -16.23 -29.52
C GLU B 144 -1.63 -16.03 -30.99
N ILE B 145 -2.47 -15.35 -31.79
CA ILE B 145 -2.17 -15.01 -33.22
C ILE B 145 -1.87 -13.51 -33.39
N GLY B 146 -1.59 -12.79 -32.29
CA GLY B 146 -1.22 -11.35 -32.30
C GLY B 146 -2.27 -10.51 -33.01
N ASP B 147 -3.54 -10.86 -32.88
CA ASP B 147 -4.66 -10.13 -33.50
C ASP B 147 -5.03 -8.97 -32.58
N LYS B 148 -4.37 -7.82 -32.77
CA LYS B 148 -4.44 -6.67 -31.85
C LYS B 148 -5.72 -5.88 -32.08
N SER B 149 -6.34 -5.38 -31.01
CA SER B 149 -7.40 -4.35 -31.10
C SER B 149 -6.79 -3.07 -30.57
N TRP B 150 -6.88 -2.02 -31.36
CA TRP B 150 -6.22 -0.72 -31.07
C TRP B 150 -7.28 0.20 -30.50
N LEU B 151 -6.90 0.97 -29.49
CA LEU B 151 -7.71 2.08 -28.92
C LEU B 151 -6.91 3.35 -29.15
N TYR B 152 -7.55 4.31 -29.83
CA TYR B 152 -6.96 5.63 -30.17
C TYR B 152 -7.43 6.67 -29.16
N LEU B 153 -6.62 7.71 -29.02
CA LEU B 153 -6.94 8.92 -28.22
C LEU B 153 -8.37 9.38 -28.51
N ARG B 154 -9.15 9.68 -27.46
CA ARG B 154 -10.44 10.42 -27.58
C ARG B 154 -10.16 11.92 -27.54
N THR B 155 -10.79 12.67 -28.45
CA THR B 155 -10.87 14.15 -28.42
C THR B 155 -12.14 14.51 -27.67
N LEU B 156 -12.04 15.47 -26.76
CA LEU B 156 -13.17 15.90 -25.90
C LEU B 156 -13.76 17.20 -26.46
N LYS B 157 -15.07 17.37 -26.29
CA LYS B 157 -15.76 18.68 -26.50
C LYS B 157 -15.41 19.54 -25.28
N GLN B 158 -15.45 20.87 -25.41
CA GLN B 158 -15.02 21.78 -24.30
C GLN B 158 -15.83 21.44 -23.05
N GLU B 159 -17.14 21.18 -23.19
CA GLU B 159 -18.14 21.08 -22.08
C GLU B 159 -17.85 19.88 -21.16
N GLU B 160 -17.18 18.83 -21.66
CA GLU B 160 -16.94 17.55 -20.93
C GLU B 160 -15.49 17.44 -20.43
N GLU B 161 -14.62 18.41 -20.72
CA GLU B 161 -13.15 18.31 -20.43
C GLU B 161 -12.90 18.07 -18.94
N THR B 162 -13.55 18.86 -18.07
CA THR B 162 -13.34 18.85 -16.59
C THR B 162 -13.70 17.49 -16.00
N HIS B 163 -14.84 16.94 -16.42
CA HIS B 163 -15.40 15.67 -15.91
C HIS B 163 -14.51 14.50 -16.37
N ILE B 164 -14.37 14.37 -17.70
CA ILE B 164 -13.65 13.27 -18.39
C ILE B 164 -12.15 13.31 -18.01
N ARG B 165 -11.46 14.45 -18.04
CA ARG B 165 -10.04 14.46 -17.57
C ARG B 165 -9.98 13.90 -16.13
N ASN B 166 -10.99 14.17 -15.30
CA ASN B 166 -10.91 13.76 -13.87
C ASN B 166 -11.03 12.23 -13.79
N GLU B 167 -11.93 11.63 -14.54
CA GLU B 167 -12.13 10.16 -14.56
C GLU B 167 -10.87 9.50 -15.13
N GLN B 168 -10.30 10.11 -16.17
CA GLN B 168 -9.05 9.65 -16.82
C GLN B 168 -7.91 9.64 -15.79
N VAL B 169 -7.75 10.68 -14.99
CA VAL B 169 -6.62 10.69 -14.00
C VAL B 169 -6.88 9.65 -12.89
N ARG B 170 -8.14 9.31 -12.61
CA ARG B 170 -8.49 8.29 -11.59
C ARG B 170 -8.23 6.91 -12.21
N GLN B 171 -8.56 6.75 -13.48
CA GLN B 171 -8.25 5.49 -14.19
C GLN B 171 -6.73 5.34 -14.25
N ARG B 172 -5.99 6.42 -14.49
CA ARG B 172 -4.51 6.35 -14.61
C ARG B 172 -3.89 5.94 -13.27
N ALA B 173 -4.37 6.49 -12.15
CA ALA B 173 -3.86 6.19 -10.78
C ALA B 173 -4.10 4.71 -10.49
N LYS B 174 -5.28 4.20 -10.84
CA LYS B 174 -5.63 2.77 -10.65
C LYS B 174 -4.73 1.90 -11.53
N GLU B 175 -4.30 2.36 -12.70
CA GLU B 175 -3.39 1.57 -13.58
C GLU B 175 -1.95 1.59 -13.01
N CYS B 176 -1.51 2.68 -12.39
CA CYS B 176 -0.16 2.72 -11.72
C CYS B 176 -0.13 1.76 -10.50
N SER B 177 -1.12 1.86 -9.63
CA SER B 177 -1.44 0.90 -8.54
C SER B 177 -1.48 -0.55 -9.02
N GLN B 178 -2.23 -0.87 -10.07
CA GLN B 178 -2.34 -2.26 -10.59
C GLN B 178 -0.99 -2.72 -11.14
N ALA B 179 -0.29 -1.86 -11.87
CA ALA B 179 1.09 -2.17 -12.33
C ALA B 179 1.95 -2.54 -11.12
N LEU B 180 1.88 -1.74 -10.04
CA LEU B 180 2.67 -2.00 -8.80
C LEU B 180 2.23 -3.34 -8.18
N SER B 181 0.93 -3.62 -8.13
CA SER B 181 0.41 -4.87 -7.53
C SER B 181 0.94 -6.07 -8.33
N LEU B 182 0.97 -5.95 -9.65
CA LEU B 182 1.46 -7.05 -10.51
C LEU B 182 2.96 -7.26 -10.27
N ILE B 183 3.75 -6.19 -10.27
CA ILE B 183 5.23 -6.30 -10.05
C ILE B 183 5.48 -6.94 -8.68
N LEU B 184 4.74 -6.55 -7.63
CA LEU B 184 5.01 -7.04 -6.26
C LEU B 184 4.60 -8.53 -6.17
N ASP B 185 3.51 -8.94 -6.83
CA ASP B 185 3.02 -10.34 -6.85
C ASP B 185 4.05 -11.24 -7.56
N ILE B 186 4.65 -10.77 -8.65
CA ILE B 186 5.71 -11.51 -9.40
C ILE B 186 6.98 -11.57 -8.54
N ASP B 187 7.22 -10.53 -7.73
CA ASP B 187 8.38 -10.46 -6.80
C ASP B 187 8.29 -11.62 -5.80
N HIS B 188 7.06 -11.99 -5.44
CA HIS B 188 6.74 -13.02 -4.42
C HIS B 188 6.35 -14.33 -5.11
N GLY B 189 6.69 -14.46 -6.41
CA GLY B 189 6.58 -15.70 -7.20
C GLY B 189 5.21 -15.94 -7.83
N LYS B 190 4.44 -14.92 -8.18
CA LYS B 190 3.15 -15.13 -8.92
C LYS B 190 3.48 -15.56 -10.35
N PRO B 191 2.89 -16.67 -10.86
CA PRO B 191 3.15 -17.06 -12.24
C PRO B 191 2.27 -16.18 -13.14
N VAL B 192 2.87 -15.64 -14.21
CA VAL B 192 2.18 -14.79 -15.21
C VAL B 192 2.43 -15.35 -16.61
N LYS B 193 1.35 -15.52 -17.38
CA LYS B 193 1.37 -15.70 -18.85
C LYS B 193 1.36 -14.32 -19.52
N ASN B 194 2.54 -13.82 -19.88
CA ASN B 194 2.71 -12.64 -20.76
C ASN B 194 1.93 -12.85 -22.07
N ALA B 195 0.96 -11.98 -22.38
CA ALA B 195 0.11 -12.05 -23.59
C ALA B 195 0.95 -11.74 -24.83
N LEU B 196 2.09 -11.07 -24.63
CA LEU B 196 3.20 -10.97 -25.62
C LEU B 196 4.13 -12.18 -25.38
N ASP B 197 4.44 -12.95 -26.42
CA ASP B 197 5.40 -14.08 -26.29
C ASP B 197 6.78 -13.51 -26.60
N LEU B 198 7.52 -13.12 -25.57
CA LEU B 198 8.88 -12.55 -25.74
C LEU B 198 9.90 -13.48 -25.06
N LYS B 199 11.17 -13.40 -25.45
CA LYS B 199 12.25 -14.25 -24.88
C LYS B 199 12.79 -13.59 -23.61
N PHE B 200 11.90 -13.15 -22.71
CA PHE B 200 12.24 -12.70 -21.34
C PHE B 200 11.30 -13.42 -20.38
N ASP B 201 11.85 -14.18 -19.44
CA ASP B 201 11.07 -14.98 -18.46
C ASP B 201 10.81 -14.11 -17.22
N MET B 202 9.56 -13.85 -16.90
CA MET B 202 9.17 -12.89 -15.84
C MET B 202 9.50 -13.46 -14.45
N GLU B 203 9.73 -14.77 -14.33
CA GLU B 203 10.12 -15.45 -13.06
C GLU B 203 11.54 -15.02 -12.66
N GLN B 204 12.32 -14.47 -13.58
CA GLN B 204 13.60 -13.78 -13.26
C GLN B 204 13.38 -12.70 -12.19
N LEU B 205 12.18 -12.14 -12.09
CA LEU B 205 11.91 -10.99 -11.19
C LEU B 205 11.60 -11.44 -9.76
N LYS B 206 11.46 -12.73 -9.48
CA LYS B 206 11.16 -13.24 -8.11
C LYS B 206 12.27 -12.75 -7.17
N ASP B 207 11.89 -12.16 -6.03
CA ASP B 207 12.83 -11.77 -4.93
C ASP B 207 13.86 -10.76 -5.48
N SER B 208 13.41 -9.88 -6.39
CA SER B 208 14.26 -8.93 -7.14
C SER B 208 13.87 -7.46 -6.92
N ILE B 209 12.83 -7.21 -6.12
CA ILE B 209 12.30 -5.85 -5.82
C ILE B 209 12.59 -5.51 -4.36
N ASP B 210 13.09 -4.31 -4.11
CA ASP B 210 13.10 -3.69 -2.75
C ASP B 210 11.73 -3.06 -2.51
N ARG B 211 10.82 -3.81 -1.87
CA ARG B 211 9.36 -3.55 -1.82
C ARG B 211 9.08 -2.33 -0.92
N GLU B 212 10.10 -1.81 -0.24
CA GLU B 212 9.98 -0.62 0.63
C GLU B 212 10.32 0.63 -0.20
N LYS B 213 10.99 0.46 -1.36
CA LYS B 213 11.56 1.58 -2.14
C LYS B 213 10.81 1.75 -3.47
N ILE B 214 9.57 2.23 -3.39
CA ILE B 214 8.65 2.42 -4.55
C ILE B 214 8.48 3.92 -4.77
N ALA B 215 8.71 4.40 -5.98
CA ALA B 215 8.35 5.78 -6.40
C ALA B 215 7.47 5.79 -7.65
N VAL B 216 6.73 6.87 -7.83
CA VAL B 216 5.94 7.11 -9.06
C VAL B 216 6.45 8.42 -9.68
N ILE B 217 6.85 8.35 -10.95
CA ILE B 217 7.29 9.49 -11.79
C ILE B 217 6.35 9.60 -12.99
N GLY B 218 6.11 10.83 -13.44
CA GLY B 218 5.35 11.09 -14.66
C GLY B 218 5.52 12.49 -15.19
N HIS B 219 5.18 12.64 -16.47
CA HIS B 219 5.31 13.85 -17.31
C HIS B 219 3.91 14.35 -17.68
N SER B 220 3.62 15.63 -17.43
CA SER B 220 2.40 16.30 -17.95
C SER B 220 1.13 15.64 -17.37
N PHE B 221 0.25 15.04 -18.18
CA PHE B 221 -0.90 14.25 -17.64
C PHE B 221 -0.36 13.27 -16.61
N GLY B 222 0.87 12.81 -16.88
CA GLY B 222 1.64 11.89 -16.03
C GLY B 222 1.97 12.48 -14.68
N GLY B 223 2.06 13.82 -14.57
CA GLY B 223 2.43 14.52 -13.32
C GLY B 223 1.24 14.64 -12.40
N ALA B 224 0.08 14.85 -12.98
CA ALA B 224 -1.23 14.76 -12.29
C ALA B 224 -1.49 13.33 -11.80
N THR B 225 -1.14 12.33 -12.60
CA THR B 225 -1.19 10.88 -12.24
C THR B 225 -0.37 10.60 -10.98
N VAL B 226 0.85 11.16 -10.91
CA VAL B 226 1.76 11.09 -9.74
C VAL B 226 0.99 11.49 -8.48
N ILE B 227 0.42 12.68 -8.49
CA ILE B 227 -0.33 13.23 -7.33
C ILE B 227 -1.54 12.33 -7.01
N GLN B 228 -2.33 11.98 -8.02
CA GLN B 228 -3.54 11.15 -7.80
C GLN B 228 -3.10 9.78 -7.24
N THR B 229 -2.01 9.21 -7.76
CA THR B 229 -1.56 7.86 -7.33
C THR B 229 -1.12 7.93 -5.87
N LEU B 230 -0.29 8.90 -5.52
CA LEU B 230 0.20 9.11 -4.13
C LEU B 230 -0.98 9.21 -3.16
N SER B 231 -2.02 9.98 -3.52
CA SER B 231 -3.21 10.20 -2.66
C SER B 231 -3.99 8.89 -2.44
N GLU B 232 -3.97 7.98 -3.41
CA GLU B 232 -4.82 6.77 -3.46
C GLU B 232 -4.05 5.56 -2.91
N ASP B 233 -2.71 5.60 -2.93
CA ASP B 233 -1.86 4.38 -2.80
C ASP B 233 -0.62 4.72 -1.96
N GLN B 234 -0.74 4.48 -0.67
CA GLN B 234 0.30 4.67 0.38
C GLN B 234 1.49 3.72 0.18
N ARG B 235 1.44 2.71 -0.71
CA ARG B 235 2.68 1.90 -1.03
C ARG B 235 3.75 2.77 -1.69
N PHE B 236 3.36 3.81 -2.44
CA PHE B 236 4.35 4.72 -3.05
C PHE B 236 4.88 5.64 -1.96
N ARG B 237 6.21 5.73 -1.84
CA ARG B 237 6.87 6.49 -0.75
C ARG B 237 7.19 7.91 -1.17
N CYS B 238 7.28 8.19 -2.47
CA CYS B 238 7.50 9.57 -2.97
C CYS B 238 7.15 9.64 -4.45
N GLY B 239 6.87 10.84 -4.94
CA GLY B 239 6.56 11.11 -6.35
C GLY B 239 7.39 12.25 -6.92
N ILE B 240 7.71 12.16 -8.20
CA ILE B 240 8.29 13.27 -9.00
C ILE B 240 7.38 13.56 -10.19
N ALA B 241 6.74 14.75 -10.16
CA ALA B 241 5.91 15.33 -11.23
C ALA B 241 6.79 16.20 -12.15
N LEU B 242 7.07 15.68 -13.36
CA LEU B 242 7.80 16.40 -14.44
C LEU B 242 6.77 17.21 -15.22
N ASP B 243 6.83 18.52 -15.07
CA ASP B 243 5.94 19.46 -15.79
C ASP B 243 4.48 18.97 -15.67
N ALA B 244 3.96 18.94 -14.44
CA ALA B 244 2.62 18.42 -14.15
C ALA B 244 1.61 19.32 -14.87
N TRP B 245 0.59 18.71 -15.44
CA TRP B 245 -0.64 19.36 -15.92
C TRP B 245 -1.73 19.12 -14.87
N MET B 246 -2.14 20.15 -14.12
CA MET B 246 -2.86 19.96 -12.84
C MET B 246 -4.36 19.92 -13.10
N PHE B 247 -4.81 20.43 -14.26
CA PHE B 247 -6.23 20.50 -14.67
C PHE B 247 -6.99 19.22 -14.31
N PRO B 248 -6.55 17.98 -14.63
CA PRO B 248 -7.37 16.80 -14.34
C PRO B 248 -7.77 16.60 -12.87
N LEU B 249 -7.01 17.17 -11.93
CA LEU B 249 -7.16 16.87 -10.48
C LEU B 249 -8.38 17.60 -9.89
N GLY B 250 -9.18 16.88 -9.09
CA GLY B 250 -10.24 17.45 -8.21
C GLY B 250 -9.66 18.35 -7.12
N ASP B 251 -10.49 19.26 -6.56
CA ASP B 251 -10.10 20.21 -5.46
C ASP B 251 -9.64 19.44 -4.21
N GLU B 252 -10.27 18.29 -3.93
CA GLU B 252 -10.07 17.45 -2.72
C GLU B 252 -8.61 16.93 -2.59
N VAL B 253 -7.89 16.63 -3.66
CA VAL B 253 -6.65 15.81 -3.52
C VAL B 253 -5.49 16.65 -2.99
N TYR B 254 -5.46 17.96 -3.26
CA TYR B 254 -4.25 18.82 -2.99
C TYR B 254 -3.86 18.76 -1.51
N SER B 255 -4.86 18.59 -0.64
CA SER B 255 -4.66 18.53 0.83
C SER B 255 -4.41 17.08 1.29
N ARG B 256 -4.37 16.09 0.37
CA ARG B 256 -4.41 14.64 0.75
C ARG B 256 -3.24 13.87 0.11
N ILE B 257 -2.05 14.45 0.13
CA ILE B 257 -0.80 13.83 -0.40
C ILE B 257 0.18 13.76 0.76
N PRO B 258 0.21 12.66 1.55
CA PRO B 258 1.19 12.53 2.62
C PRO B 258 2.66 12.50 2.17
N GLN B 259 2.94 11.93 1.00
CA GLN B 259 4.32 11.52 0.64
C GLN B 259 5.13 12.72 0.13
N PRO B 260 6.46 12.71 0.28
CA PRO B 260 7.29 13.68 -0.42
C PRO B 260 6.97 13.78 -1.93
N LEU B 261 6.86 15.01 -2.43
CA LEU B 261 6.44 15.34 -3.81
C LEU B 261 7.35 16.42 -4.40
N PHE B 262 8.02 16.10 -5.50
CA PHE B 262 9.01 16.95 -6.20
C PHE B 262 8.45 17.36 -7.58
N PHE B 263 8.22 18.66 -7.73
CA PHE B 263 7.82 19.29 -9.01
C PHE B 263 9.07 19.73 -9.77
N ILE B 264 9.28 19.17 -10.96
CA ILE B 264 10.34 19.62 -11.88
C ILE B 264 9.68 20.15 -13.16
N ASN B 265 9.78 21.46 -13.35
CA ASN B 265 9.03 22.26 -14.36
C ASN B 265 9.91 22.61 -15.57
N SER B 266 9.27 22.74 -16.73
CA SER B 266 9.89 23.48 -17.86
C SER B 266 9.58 24.97 -17.67
N GLU B 267 10.38 25.85 -18.27
CA GLU B 267 10.14 27.30 -18.18
C GLU B 267 8.90 27.68 -18.98
N TYR B 268 8.77 27.16 -20.22
CA TYR B 268 7.81 27.69 -21.22
C TYR B 268 6.43 27.04 -21.14
N PHE B 269 6.29 25.87 -20.51
CA PHE B 269 4.98 25.20 -20.41
C PHE B 269 4.06 25.94 -19.43
N GLN B 270 4.61 26.49 -18.36
CA GLN B 270 3.86 26.80 -17.09
C GLN B 270 2.97 28.05 -17.25
N TYR B 271 1.93 28.15 -16.43
CA TYR B 271 0.99 29.29 -16.38
C TYR B 271 0.35 29.42 -15.00
N PRO B 272 -0.10 30.63 -14.60
CA PRO B 272 -0.69 30.83 -13.27
C PRO B 272 -1.61 29.70 -12.81
N ALA B 273 -2.69 29.42 -13.54
CA ALA B 273 -3.78 28.50 -13.18
C ALA B 273 -3.17 27.12 -12.84
N ASN B 274 -2.11 26.72 -13.55
CA ASN B 274 -1.34 25.48 -13.24
C ASN B 274 -0.56 25.66 -11.94
N ILE B 275 0.23 26.72 -11.80
CA ILE B 275 1.14 26.89 -10.60
C ILE B 275 0.28 27.07 -9.33
N ILE B 276 -0.87 27.75 -9.41
CA ILE B 276 -1.77 27.88 -8.22
C ILE B 276 -2.08 26.45 -7.70
N LYS B 277 -2.41 25.53 -8.61
CA LYS B 277 -2.84 24.15 -8.25
C LYS B 277 -1.63 23.44 -7.62
N MET B 278 -0.40 23.64 -8.10
CA MET B 278 0.82 23.06 -7.47
C MET B 278 0.96 23.61 -6.04
N LYS B 279 0.69 24.90 -5.83
CA LYS B 279 0.90 25.57 -4.52
C LYS B 279 -0.07 25.00 -3.48
N LYS B 280 -1.31 24.69 -3.86
CA LYS B 280 -2.36 24.13 -2.99
C LYS B 280 -1.90 22.78 -2.42
N CYS B 281 -0.86 22.17 -3.00
CA CYS B 281 -0.28 20.88 -2.52
C CYS B 281 0.64 21.15 -1.33
N TYR B 282 1.05 22.40 -1.13
CA TYR B 282 2.09 22.79 -0.12
C TYR B 282 1.50 22.80 1.30
N SER B 283 2.37 22.53 2.27
CA SER B 283 2.05 22.34 3.72
C SER B 283 3.39 22.26 4.47
N PRO B 284 3.56 22.95 5.63
CA PRO B 284 4.84 22.94 6.34
C PRO B 284 5.08 21.58 7.03
N ASP B 285 3.99 20.83 7.24
CA ASP B 285 3.95 19.42 7.73
C ASP B 285 4.60 18.45 6.72
N LYS B 286 4.60 18.79 5.43
CA LYS B 286 4.83 17.83 4.31
C LYS B 286 6.01 18.31 3.45
N GLU B 287 6.86 17.38 2.98
CA GLU B 287 8.04 17.71 2.15
C GLU B 287 7.57 17.98 0.69
N ARG B 288 7.88 19.19 0.21
CA ARG B 288 7.52 19.71 -1.12
C ARG B 288 8.68 20.51 -1.70
N LYS B 289 9.23 20.04 -2.83
CA LYS B 289 10.23 20.78 -3.64
C LYS B 289 9.66 21.16 -5.02
N MET B 290 10.21 22.24 -5.56
CA MET B 290 9.87 22.78 -6.90
C MET B 290 11.11 23.42 -7.51
N ILE B 291 11.44 22.98 -8.72
CA ILE B 291 12.43 23.65 -9.60
C ILE B 291 11.85 23.77 -11.01
N THR B 292 12.43 24.73 -11.73
CA THR B 292 12.14 25.12 -13.13
C THR B 292 13.49 25.07 -13.85
N ILE B 293 13.53 24.42 -15.03
CA ILE B 293 14.78 24.32 -15.85
C ILE B 293 14.79 25.51 -16.83
N ARG B 294 15.88 26.29 -16.80
CA ARG B 294 16.07 27.52 -17.62
C ARG B 294 16.03 27.16 -19.12
N GLY B 295 15.13 27.81 -19.85
CA GLY B 295 15.03 27.77 -21.34
C GLY B 295 14.15 26.65 -21.88
N SER B 296 13.62 25.79 -21.00
CA SER B 296 13.17 24.43 -21.34
C SER B 296 11.76 24.51 -21.89
N VAL B 297 11.38 23.52 -22.70
CA VAL B 297 9.97 23.39 -23.17
C VAL B 297 9.36 22.10 -22.60
N HIS B 298 8.04 21.94 -22.77
CA HIS B 298 7.26 20.78 -22.30
C HIS B 298 7.95 19.49 -22.77
N GLN B 299 8.41 19.47 -24.03
CA GLN B 299 8.92 18.26 -24.72
C GLN B 299 10.36 17.93 -24.31
N ASN B 300 11.06 18.79 -23.55
CA ASN B 300 12.43 18.47 -23.07
C ASN B 300 12.43 17.15 -22.24
N PHE B 301 11.30 16.75 -21.66
CA PHE B 301 11.21 15.58 -20.75
C PHE B 301 10.95 14.27 -21.53
N ALA B 302 10.50 14.34 -22.79
CA ALA B 302 10.09 13.20 -23.64
C ALA B 302 11.08 12.98 -24.79
N ASP B 303 11.14 11.75 -25.31
CA ASP B 303 12.25 11.29 -26.17
C ASP B 303 12.29 12.08 -27.49
N PHE B 304 11.15 12.60 -27.94
CA PHE B 304 11.02 13.33 -29.24
C PHE B 304 11.97 14.55 -29.28
N THR B 305 12.45 15.03 -28.13
CA THR B 305 13.45 16.14 -28.02
C THR B 305 14.78 15.72 -28.66
N PHE B 306 15.01 14.41 -28.84
CA PHE B 306 16.28 13.83 -29.32
C PHE B 306 16.14 13.26 -30.73
N ALA B 307 14.93 13.15 -31.27
CA ALA B 307 14.63 12.40 -32.51
C ALA B 307 14.85 13.27 -33.76
N THR B 308 14.89 14.59 -33.60
CA THR B 308 15.05 15.55 -34.72
C THR B 308 16.37 16.34 -34.59
N GLY B 309 16.67 17.15 -35.61
CA GLY B 309 17.76 18.14 -35.58
C GLY B 309 17.35 19.41 -34.86
N LYS B 310 18.32 20.28 -34.60
CA LYS B 310 18.20 21.50 -33.77
C LYS B 310 17.11 22.44 -34.32
N ILE B 311 17.07 22.66 -35.64
CA ILE B 311 16.25 23.77 -36.22
C ILE B 311 14.82 23.23 -36.46
N ILE B 312 14.67 21.99 -36.92
CA ILE B 312 13.33 21.35 -37.02
C ILE B 312 12.80 21.19 -35.58
N GLY B 313 13.67 20.74 -34.66
CA GLY B 313 13.37 20.58 -33.23
C GLY B 313 12.81 21.86 -32.65
N HIS B 314 13.50 22.98 -32.89
CA HIS B 314 13.04 24.35 -32.50
C HIS B 314 11.71 24.68 -33.19
N MET B 315 11.62 24.41 -34.50
CA MET B 315 10.41 24.73 -35.31
C MET B 315 9.19 24.06 -34.66
N LEU B 316 9.31 22.80 -34.24
CA LEU B 316 8.15 22.00 -33.75
C LEU B 316 7.99 22.10 -32.22
N LYS B 317 8.85 22.83 -31.52
CA LYS B 317 8.76 22.98 -30.03
C LYS B 317 9.14 21.67 -29.34
N LEU B 318 9.95 20.82 -29.98
CA LEU B 318 10.59 19.65 -29.32
C LEU B 318 11.83 20.08 -28.52
N LYS B 319 12.35 21.29 -28.77
CA LYS B 319 13.63 21.77 -28.17
C LYS B 319 13.47 23.23 -27.74
N GLY B 320 14.04 23.56 -26.58
CA GLY B 320 14.06 24.94 -26.05
C GLY B 320 15.41 25.59 -26.26
N ASP B 321 15.65 26.72 -25.58
CA ASP B 321 16.96 27.44 -25.63
C ASP B 321 18.09 26.48 -25.25
N ILE B 322 17.92 25.87 -24.08
CA ILE B 322 18.89 24.95 -23.42
C ILE B 322 19.06 23.72 -24.31
N ASP B 323 20.19 23.03 -24.24
CA ASP B 323 20.42 21.78 -25.04
C ASP B 323 19.63 20.65 -24.38
N SER B 324 19.19 19.69 -25.19
CA SER B 324 18.29 18.58 -24.75
C SER B 324 19.01 17.63 -23.78
N ASN B 325 20.24 17.23 -24.08
CA ASN B 325 21.06 16.36 -23.18
C ASN B 325 21.29 17.07 -21.84
N VAL B 326 21.50 18.39 -21.87
CA VAL B 326 21.76 19.19 -20.64
C VAL B 326 20.49 19.23 -19.79
N ALA B 327 19.31 19.40 -20.40
CA ALA B 327 18.03 19.50 -19.67
C ALA B 327 17.74 18.15 -19.01
N ILE B 328 17.93 17.04 -19.73
CA ILE B 328 17.54 15.68 -19.23
C ILE B 328 18.49 15.31 -18.10
N ASP B 329 19.77 15.60 -18.27
CA ASP B 329 20.81 15.34 -17.22
C ASP B 329 20.43 16.09 -15.94
N LEU B 330 19.99 17.34 -16.04
CA LEU B 330 19.56 18.14 -14.86
C LEU B 330 18.39 17.43 -14.17
N SER B 331 17.29 17.25 -14.91
CA SER B 331 16.04 16.58 -14.47
C SER B 331 16.37 15.25 -13.80
N ASN B 332 17.24 14.45 -14.43
CA ASN B 332 17.59 13.05 -14.02
C ASN B 332 18.44 13.07 -12.73
N LYS B 333 19.49 13.89 -12.68
CA LYS B 333 20.39 14.02 -11.50
C LYS B 333 19.58 14.55 -10.30
N ALA B 334 18.78 15.58 -10.53
CA ALA B 334 17.91 16.15 -9.48
C ALA B 334 16.94 15.06 -8.98
N SER B 335 16.35 14.28 -9.90
CA SER B 335 15.39 13.17 -9.61
C SER B 335 16.08 12.14 -8.71
N LEU B 336 17.27 11.72 -9.10
CA LEU B 336 18.10 10.76 -8.32
C LEU B 336 18.33 11.29 -6.90
N ALA B 337 18.73 12.55 -6.75
CA ALA B 337 18.94 13.17 -5.43
C ALA B 337 17.66 13.01 -4.61
N PHE B 338 16.51 13.35 -5.18
CA PHE B 338 15.24 13.37 -4.41
C PHE B 338 14.81 11.93 -4.06
N LEU B 339 14.92 10.99 -5.02
CA LEU B 339 14.65 9.55 -4.75
C LEU B 339 15.57 9.05 -3.60
N GLN B 340 16.87 9.31 -3.66
CA GLN B 340 17.76 8.89 -2.54
C GLN B 340 17.28 9.46 -1.19
N LYS B 341 16.97 10.75 -1.14
CA LYS B 341 16.60 11.45 0.13
C LYS B 341 15.37 10.77 0.72
N HIS B 342 14.35 10.50 -0.10
CA HIS B 342 13.00 10.11 0.39
C HIS B 342 12.66 8.63 0.18
N LEU B 343 13.52 7.83 -0.47
CA LEU B 343 13.42 6.34 -0.46
C LEU B 343 14.45 5.75 0.51
N GLY B 344 15.47 6.54 0.89
CA GLY B 344 16.60 6.13 1.74
C GLY B 344 17.53 5.19 1.00
N LEU B 345 18.04 5.62 -0.16
CA LEU B 345 18.95 4.77 -0.98
C LEU B 345 20.38 4.92 -0.45
N HIS B 346 21.24 3.95 -0.80
CA HIS B 346 22.65 3.83 -0.32
C HIS B 346 23.57 4.01 -1.53
N LYS B 347 23.46 5.18 -2.17
CA LYS B 347 24.23 5.55 -3.38
C LYS B 347 24.75 7.00 -3.20
N ASP B 348 25.42 7.55 -4.21
CA ASP B 348 26.15 8.84 -4.10
C ASP B 348 25.40 9.98 -4.80
N PHE B 349 24.08 9.84 -4.95
CA PHE B 349 23.20 10.80 -5.66
C PHE B 349 23.02 12.10 -4.86
N ASP B 350 23.23 12.10 -3.53
CA ASP B 350 23.22 13.34 -2.67
C ASP B 350 24.25 14.35 -3.21
N GLN B 351 25.26 13.87 -3.94
CA GLN B 351 26.11 14.67 -4.88
C GLN B 351 25.27 15.78 -5.52
N TRP B 352 23.98 15.53 -5.80
CA TRP B 352 23.14 16.45 -6.61
C TRP B 352 22.08 17.16 -5.76
N ASP B 353 22.22 17.18 -4.43
CA ASP B 353 21.18 17.74 -3.51
C ASP B 353 21.04 19.24 -3.80
N CYS B 354 22.09 19.90 -4.30
CA CYS B 354 22.01 21.32 -4.77
C CYS B 354 20.90 21.48 -5.82
N LEU B 355 20.74 20.48 -6.71
CA LEU B 355 19.75 20.56 -7.82
C LEU B 355 18.34 20.61 -7.23
N ILE B 356 18.08 19.93 -6.10
CA ILE B 356 16.72 19.90 -5.47
C ILE B 356 16.34 21.33 -5.06
N GLU B 357 17.35 22.14 -4.73
CA GLU B 357 17.16 23.53 -4.23
C GLU B 357 17.17 24.53 -5.41
N GLY B 358 17.56 24.08 -6.61
CA GLY B 358 17.68 24.92 -7.82
C GLY B 358 18.98 25.72 -7.84
N ASP B 359 20.08 25.16 -7.32
CA ASP B 359 21.42 25.80 -7.27
C ASP B 359 22.26 25.38 -8.48
N ASP B 360 21.93 25.95 -9.65
CA ASP B 360 22.65 25.77 -10.94
C ASP B 360 22.34 26.98 -11.83
N GLU B 361 23.27 27.32 -12.74
CA GLU B 361 23.10 28.34 -13.83
C GLU B 361 21.74 28.11 -14.53
N ASN B 362 21.43 26.84 -14.76
CA ASN B 362 20.32 26.39 -15.64
C ASN B 362 19.07 26.04 -14.83
N LEU B 363 19.00 26.45 -13.55
CA LEU B 363 17.81 26.15 -12.70
C LEU B 363 17.28 27.41 -12.01
N ILE B 364 15.97 27.48 -11.79
CA ILE B 364 15.32 28.45 -10.88
C ILE B 364 14.69 27.68 -9.70
N PRO B 365 15.01 28.04 -8.42
CA PRO B 365 14.18 27.63 -7.28
C PRO B 365 12.69 27.91 -7.49
N GLY B 366 11.85 26.91 -7.24
CA GLY B 366 10.38 27.05 -7.46
C GLY B 366 10.06 27.42 -8.91
N THR B 367 9.34 28.52 -9.11
CA THR B 367 8.89 29.00 -10.45
C THR B 367 9.12 30.51 -10.59
N ASN B 368 9.22 31.00 -11.83
CA ASN B 368 9.27 32.46 -12.14
C ASN B 368 7.84 33.04 -12.01
N ILE B 369 6.83 32.18 -12.09
CA ILE B 369 5.39 32.58 -12.02
C ILE B 369 5.01 32.85 -10.56
N ASN B 370 4.25 33.92 -10.29
CA ASN B 370 3.86 34.36 -8.92
C ASN B 370 2.36 34.11 -8.66
N THR B 371 2.05 33.58 -7.46
CA THR B 371 0.70 33.19 -6.91
C THR B 371 -0.09 32.40 -7.95
#